data_8J3R
#
_entry.id   8J3R
#
_cell.length_a   1.00
_cell.length_b   1.00
_cell.length_c   1.00
_cell.angle_alpha   90.00
_cell.angle_beta   90.00
_cell.angle_gamma   90.00
#
_symmetry.space_group_name_H-M   'P 1'
#
loop_
_entity.id
_entity.type
_entity.pdbx_description
1 polymer 'Transposase IS605 OrfB C-terminal domain-containing protein'
2 polymer 'DNA (37-MER)'
3 polymer 'DNA (38-MER)'
4 polymer 'RNA (118-MER)'
5 non-polymer 'ZINC ION'
6 non-polymer 'MAGNESIUM ION'
#
loop_
_entity_poly.entity_id
_entity_poly.type
_entity_poly.pdbx_seq_one_letter_code
_entity_poly.pdbx_strand_id
1 'polypeptide(L)'
;MGHHHHHHGSMIKVYRYEIVKPLDLDWKEFGTILRQLQQETRFALNKATQLAWEWMGFSSDYKDNHGEYPKSKDILGYTN
VHGYAYHTIKTKAYRLNSGNLSQTIKRATDRFKAYQKEILRGDMSIPSYKRDHPLDLIKENISVNRMNHGDYIASLSLLS
NPAKQEMNVKRKISVIIIVRGAGKTIMDRILSGEYQVSASQIIHKDRKNKWYLNISYRFEPQTRVLDLNKIMGIDLGVAV
AAYMAFQHTPARYKLEGGEIENFRRQVESRRISMLRQGKYAGGARGGHGRDKRIKPIEQLRDKIANFRDTTNHRYSRYIV
DMAIKEGCGTIQMEDLTNIRDIGSRFLQNWTYYDLQQKIIYKAEEAGIKVIKIDPQYTSQRCSECGNIDSGNRIGQAIFK
CRACGYEANADYNAARNIAIPNIDKIIAESIK
;
A,B
2 'polydeoxyribonucleotide'
;(DG)(DA)(DA)(DT)(DG)(DG)(DT)(DT)(DC)(DA)(DG)(DC)(DG)(DC)(DG)(DC)(DC)(DT)(DA)(DA)
(DT)(DT)(DT)(DC)(DC)(DT)(DA)(DA)(DT)(DT)(DT)(DA)(DG)(DA)(DA)(DA)(DA)
;
D
3 'polydeoxyribonucleotide'
;(DT)(DT)(DT)(DT)(DC)(DT)(DA)(DA)(DA)(DT)(DT)(DA)(DG)(DG)(DA)(DA)(DA)(DT)(DT)(DA)
(DG)(DG)(DT)(DG)(DC)(DG)(DC)(DT)(DT)(DG)(DA)(DA)(DC)(DC)(DA)(DT)(DT)(DC)
;
E
4 'polyribonucleotide'
;GGAUUCGUCGGUUCAGCGACGAUAAGCCGAGAAGUGCCAAUAAAACUGUUAAGUGGUUUGGUAACGCUCGGUAAGGUCCG
AAAGGAGAACCACUGAACGGAAAUUAGGCGCGCUUGGC
;
C
#
loop_
_chem_comp.id
_chem_comp.type
_chem_comp.name
_chem_comp.formula
A RNA linking ADENOSINE-5'-MONOPHOSPHATE 'C10 H14 N5 O7 P'
C RNA linking CYTIDINE-5'-MONOPHOSPHATE 'C9 H14 N3 O8 P'
DA DNA linking 2'-DEOXYADENOSINE-5'-MONOPHOSPHATE 'C10 H14 N5 O6 P'
DC DNA linking 2'-DEOXYCYTIDINE-5'-MONOPHOSPHATE 'C9 H14 N3 O7 P'
DG DNA linking 2'-DEOXYGUANOSINE-5'-MONOPHOSPHATE 'C10 H14 N5 O7 P'
DT DNA linking THYMIDINE-5'-MONOPHOSPHATE 'C10 H15 N2 O8 P'
G RNA linking GUANOSINE-5'-MONOPHOSPHATE 'C10 H14 N5 O8 P'
MG non-polymer 'MAGNESIUM ION' 'Mg 2'
U RNA linking URIDINE-5'-MONOPHOSPHATE 'C9 H13 N2 O9 P'
ZN non-polymer 'ZINC ION' 'Zn 2'
#
# COMPACT_ATOMS: atom_id res chain seq x y z
N MET A 11 26.30 -17.74 10.11
CA MET A 11 25.43 -16.60 10.35
C MET A 11 25.98 -15.35 9.68
N ILE A 12 25.09 -14.49 9.22
CA ILE A 12 25.46 -13.28 8.49
C ILE A 12 24.67 -12.11 9.06
N LYS A 13 25.34 -10.97 9.26
CA LYS A 13 24.72 -9.78 9.81
C LYS A 13 25.21 -8.56 9.04
N VAL A 14 24.45 -7.47 9.13
CA VAL A 14 24.71 -6.24 8.39
C VAL A 14 24.78 -5.08 9.37
N TYR A 15 25.66 -4.11 9.07
CA TYR A 15 25.74 -2.90 9.86
C TYR A 15 25.96 -1.71 8.93
N ARG A 16 25.40 -0.56 9.31
CA ARG A 16 25.45 0.63 8.49
C ARG A 16 26.53 1.59 8.98
N TYR A 17 27.20 2.25 8.04
CA TYR A 17 28.26 3.20 8.35
C TYR A 17 28.05 4.44 7.50
N GLU A 18 27.91 5.59 8.15
CA GLU A 18 27.65 6.83 7.43
C GLU A 18 28.91 7.33 6.74
N ILE A 19 28.78 7.72 5.48
CA ILE A 19 29.88 8.30 4.71
C ILE A 19 29.88 9.80 4.94
N VAL A 20 31.05 10.35 5.29
CA VAL A 20 31.16 11.78 5.58
C VAL A 20 31.71 12.53 4.39
N LYS A 21 32.95 12.23 4.00
CA LYS A 21 33.62 12.98 2.95
C LYS A 21 34.35 12.04 2.00
N PRO A 22 34.36 12.34 0.70
CA PRO A 22 35.34 11.71 -0.19
C PRO A 22 36.73 12.23 0.14
N LEU A 23 37.69 11.32 0.21
CA LEU A 23 39.04 11.70 0.65
C LEU A 23 39.71 12.62 -0.36
N ASP A 24 39.52 12.37 -1.65
CA ASP A 24 40.23 13.11 -2.69
C ASP A 24 39.29 13.80 -3.67
N LEU A 25 37.98 13.70 -3.46
CA LEU A 25 37.01 14.36 -4.34
C LEU A 25 36.07 15.22 -3.51
N ASP A 26 35.34 16.09 -4.20
CA ASP A 26 34.33 16.93 -3.58
C ASP A 26 32.99 16.21 -3.57
N TRP A 27 32.13 16.60 -2.62
CA TRP A 27 30.84 15.94 -2.49
C TRP A 27 29.98 16.11 -3.74
N LYS A 28 30.06 17.27 -4.39
CA LYS A 28 29.28 17.50 -5.61
C LYS A 28 29.71 16.55 -6.71
N GLU A 29 31.02 16.35 -6.86
CA GLU A 29 31.51 15.42 -7.88
C GLU A 29 31.22 13.97 -7.49
N PHE A 30 31.29 13.67 -6.18
CA PHE A 30 30.99 12.31 -5.72
C PHE A 30 29.54 11.95 -5.96
N GLY A 31 28.63 12.90 -5.71
CA GLY A 31 27.22 12.61 -5.89
C GLY A 31 26.86 12.33 -7.33
N THR A 32 27.51 13.03 -8.27
CA THR A 32 27.25 12.80 -9.69
C THR A 32 27.64 11.39 -10.09
N ILE A 33 28.78 10.92 -9.60
CA ILE A 33 29.25 9.57 -9.92
C ILE A 33 28.29 8.53 -9.36
N LEU A 34 27.85 8.71 -8.11
CA LEU A 34 26.98 7.73 -7.48
C LEU A 34 25.62 7.65 -8.18
N ARG A 35 25.06 8.80 -8.57
CA ARG A 35 23.77 8.78 -9.26
C ARG A 35 23.87 8.11 -10.62
N GLN A 36 24.96 8.34 -11.35
CA GLN A 36 25.14 7.69 -12.65
C GLN A 36 25.25 6.18 -12.49
N LEU A 37 25.99 5.72 -11.47
CA LEU A 37 26.14 4.29 -11.25
C LEU A 37 24.82 3.66 -10.81
N GLN A 38 23.99 4.42 -10.09
CA GLN A 38 22.67 3.93 -9.72
C GLN A 38 21.79 3.71 -10.94
N GLN A 39 21.89 4.61 -11.92
CA GLN A 39 21.11 4.46 -13.14
C GLN A 39 21.50 3.19 -13.90
N GLU A 40 22.79 2.87 -13.93
CA GLU A 40 23.23 1.65 -14.59
C GLU A 40 22.76 0.40 -13.83
N THR A 41 22.73 0.48 -12.50
CA THR A 41 22.27 -0.66 -11.71
C THR A 41 20.82 -0.98 -12.00
N ARG A 42 19.98 0.05 -12.10
CA ARG A 42 18.59 -0.16 -12.49
C ARG A 42 18.50 -0.71 -13.91
N PHE A 43 19.33 -0.19 -14.81
CA PHE A 43 19.34 -0.67 -16.19
C PHE A 43 19.75 -2.14 -16.27
N ALA A 44 20.78 -2.51 -15.51
CA ALA A 44 21.27 -3.88 -15.55
C ALA A 44 20.23 -4.86 -15.01
N LEU A 45 19.56 -4.49 -13.91
CA LEU A 45 18.61 -5.40 -13.28
C LEU A 45 17.40 -5.63 -14.19
N ASN A 46 16.85 -4.56 -14.76
CA ASN A 46 15.70 -4.72 -15.65
C ASN A 46 16.07 -5.49 -16.91
N LYS A 47 17.23 -5.19 -17.50
CA LYS A 47 17.62 -5.84 -18.74
C LYS A 47 17.89 -7.33 -18.53
N ALA A 48 18.46 -7.69 -17.38
CA ALA A 48 18.73 -9.10 -17.11
C ALA A 48 17.43 -9.90 -17.02
N THR A 49 16.39 -9.34 -16.38
CA THR A 49 15.11 -10.01 -16.33
C THR A 49 14.47 -10.11 -17.71
N GLN A 50 14.69 -9.09 -18.56
CA GLN A 50 14.22 -9.16 -19.93
C GLN A 50 14.89 -10.31 -20.68
N LEU A 51 16.21 -10.45 -20.50
CA LEU A 51 16.93 -11.52 -21.18
C LEU A 51 16.58 -12.88 -20.60
N ALA A 52 16.28 -12.94 -19.30
CA ALA A 52 15.85 -14.19 -18.69
C ALA A 52 14.46 -14.60 -19.18
N TRP A 53 13.55 -13.62 -19.26
CA TRP A 53 12.21 -13.91 -19.74
C TRP A 53 12.20 -14.29 -21.20
N GLU A 54 13.08 -13.68 -21.99
CA GLU A 54 13.19 -14.04 -23.41
C GLU A 54 13.67 -15.47 -23.58
N TRP A 55 14.63 -15.90 -22.76
CA TRP A 55 15.15 -17.25 -22.87
C TRP A 55 14.10 -18.29 -22.44
N MET A 56 13.27 -17.95 -21.46
CA MET A 56 12.23 -18.86 -21.02
C MET A 56 11.24 -19.13 -22.16
N GLY A 57 10.85 -18.08 -22.87
CA GLY A 57 9.92 -18.26 -23.98
C GLY A 57 10.53 -19.03 -25.12
N PHE A 58 11.81 -18.77 -25.42
CA PHE A 58 12.48 -19.48 -26.50
C PHE A 58 12.60 -20.96 -26.21
N SER A 59 12.94 -21.32 -24.96
CA SER A 59 13.07 -22.72 -24.60
C SER A 59 11.73 -23.44 -24.69
N SER A 60 10.65 -22.78 -24.28
CA SER A 60 9.33 -23.37 -24.38
C SER A 60 8.94 -23.60 -25.84
N ASP A 61 9.22 -22.62 -26.70
CA ASP A 61 8.93 -22.79 -28.13
C ASP A 61 9.82 -23.86 -28.75
N TYR A 62 11.08 -23.93 -28.32
CA TYR A 62 12.00 -24.90 -28.88
C TYR A 62 11.57 -26.33 -28.57
N LYS A 63 11.06 -26.56 -27.36
CA LYS A 63 10.66 -27.91 -26.97
C LYS A 63 9.50 -28.40 -27.83
N ASP A 64 8.57 -27.51 -28.17
CA ASP A 64 7.42 -27.91 -28.99
C ASP A 64 7.86 -28.36 -30.37
N ASN A 65 8.83 -27.68 -30.97
CA ASN A 65 9.21 -27.96 -32.35
C ASN A 65 10.21 -29.11 -32.46
N HIS A 66 10.96 -29.41 -31.41
CA HIS A 66 12.00 -30.43 -31.49
C HIS A 66 11.90 -31.49 -30.41
N GLY A 67 11.09 -31.30 -29.39
CA GLY A 67 10.86 -32.30 -28.36
C GLY A 67 11.82 -32.27 -27.20
N GLU A 68 12.85 -31.43 -27.24
CA GLU A 68 13.81 -31.35 -26.15
C GLU A 68 14.19 -29.89 -25.93
N TYR A 69 14.52 -29.57 -24.67
CA TYR A 69 14.93 -28.21 -24.36
C TYR A 69 16.26 -27.90 -25.02
N PRO A 70 16.47 -26.67 -25.50
CA PRO A 70 17.75 -26.32 -26.09
C PRO A 70 18.83 -26.17 -25.03
N LYS A 71 20.07 -26.37 -25.45
CA LYS A 71 21.23 -26.21 -24.58
C LYS A 71 21.67 -24.76 -24.63
N SER A 72 21.90 -24.16 -23.45
CA SER A 72 22.34 -22.77 -23.40
C SER A 72 23.70 -22.60 -24.05
N LYS A 73 24.61 -23.56 -23.84
CA LYS A 73 25.94 -23.46 -24.42
C LYS A 73 25.88 -23.43 -25.94
N ASP A 74 25.02 -24.26 -26.54
CA ASP A 74 24.96 -24.35 -28.00
C ASP A 74 24.36 -23.09 -28.61
N ILE A 75 23.26 -22.61 -28.05
CA ILE A 75 22.51 -21.49 -28.62
C ILE A 75 22.95 -20.17 -28.03
N LEU A 76 22.87 -20.03 -26.70
CA LEU A 76 23.15 -18.75 -26.06
C LEU A 76 24.63 -18.44 -25.99
N GLY A 77 25.49 -19.45 -26.14
CA GLY A 77 26.92 -19.25 -26.07
C GLY A 77 27.51 -19.31 -24.68
N TYR A 78 26.69 -19.48 -23.65
CA TYR A 78 27.16 -19.53 -22.27
C TYR A 78 26.39 -20.60 -21.53
N THR A 79 26.96 -21.04 -20.40
CA THR A 79 26.32 -22.08 -19.61
C THR A 79 24.99 -21.60 -19.04
N ASN A 80 24.96 -20.38 -18.52
CA ASN A 80 23.75 -19.81 -17.93
C ASN A 80 23.42 -18.48 -18.59
N VAL A 81 22.19 -18.03 -18.40
CA VAL A 81 21.77 -16.73 -18.90
C VAL A 81 22.54 -15.60 -18.23
N HIS A 82 23.09 -15.85 -17.04
CA HIS A 82 23.88 -14.84 -16.34
C HIS A 82 25.09 -14.42 -17.18
N GLY A 83 25.75 -15.39 -17.81
CA GLY A 83 26.85 -15.05 -18.70
C GLY A 83 26.41 -14.25 -19.90
N TYR A 84 25.27 -14.61 -20.49
CA TYR A 84 24.78 -13.89 -21.66
C TYR A 84 24.33 -12.49 -21.30
N ALA A 85 23.71 -12.33 -20.12
CA ALA A 85 23.29 -11.01 -19.68
C ALA A 85 24.48 -10.09 -19.48
N TYR A 86 25.57 -10.62 -18.93
CA TYR A 86 26.78 -9.83 -18.76
C TYR A 86 27.35 -9.40 -20.09
N HIS A 87 27.37 -10.31 -21.08
CA HIS A 87 27.98 -10.01 -22.36
C HIS A 87 27.22 -8.93 -23.13
N THR A 88 25.93 -8.75 -22.83
CA THR A 88 25.11 -7.77 -23.52
C THR A 88 25.01 -6.44 -22.76
N ILE A 89 24.78 -6.50 -21.45
CA ILE A 89 24.58 -5.28 -20.67
C ILE A 89 25.90 -4.52 -20.49
N LYS A 90 27.04 -5.20 -20.63
CA LYS A 90 28.32 -4.55 -20.37
C LYS A 90 28.57 -3.38 -21.32
N THR A 91 28.21 -3.54 -22.60
CA THR A 91 28.51 -2.51 -23.58
C THR A 91 27.77 -1.20 -23.28
N LYS A 92 26.65 -1.29 -22.58
CA LYS A 92 25.87 -0.11 -22.21
C LYS A 92 26.11 0.33 -20.77
N ALA A 93 26.27 -0.63 -19.85
CA ALA A 93 26.58 -0.32 -18.46
C ALA A 93 28.09 -0.44 -18.26
N TYR A 94 28.82 0.48 -18.87
CA TYR A 94 30.28 0.45 -18.86
C TYR A 94 30.89 1.26 -17.73
N ARG A 95 30.08 1.94 -16.92
CA ARG A 95 30.63 2.75 -15.83
C ARG A 95 30.80 1.95 -14.55
N LEU A 96 29.94 0.96 -14.30
CA LEU A 96 30.08 0.11 -13.13
C LEU A 96 31.32 -0.76 -13.25
N ASN A 97 31.87 -1.16 -12.10
CA ASN A 97 32.93 -2.16 -12.07
C ASN A 97 32.37 -3.48 -12.53
N SER A 98 33.18 -4.26 -13.25
CA SER A 98 32.73 -5.52 -13.80
C SER A 98 32.29 -6.47 -12.70
N GLY A 99 33.03 -6.51 -11.59
CA GLY A 99 32.67 -7.34 -10.48
C GLY A 99 31.32 -6.96 -9.91
N ASN A 100 31.11 -5.66 -9.68
CA ASN A 100 29.83 -5.21 -9.14
C ASN A 100 28.70 -5.43 -10.14
N LEU A 101 28.99 -5.27 -11.43
CA LEU A 101 27.99 -5.51 -12.46
C LEU A 101 27.55 -6.97 -12.47
N SER A 102 28.52 -7.89 -12.36
CA SER A 102 28.19 -9.32 -12.37
C SER A 102 27.35 -9.68 -11.16
N GLN A 103 27.67 -9.12 -9.99
CA GLN A 103 26.86 -9.37 -8.80
C GLN A 103 25.46 -8.81 -8.96
N THR A 104 25.36 -7.61 -9.55
CA THR A 104 24.05 -6.99 -9.76
C THR A 104 23.19 -7.83 -10.70
N ILE A 105 23.77 -8.33 -11.79
CA ILE A 105 23.03 -9.13 -12.74
C ILE A 105 22.56 -10.43 -12.10
N LYS A 106 23.40 -11.02 -11.23
CA LYS A 106 23.07 -12.31 -10.64
C LYS A 106 21.81 -12.23 -9.79
N ARG A 107 21.62 -11.12 -9.06
CA ARG A 107 20.42 -10.95 -8.25
C ARG A 107 19.16 -10.99 -9.11
N ALA A 108 19.21 -10.36 -10.29
CA ALA A 108 18.06 -10.38 -11.18
C ALA A 108 17.79 -11.78 -11.71
N THR A 109 18.84 -12.47 -12.17
CA THR A 109 18.65 -13.79 -12.78
C THR A 109 18.23 -14.82 -11.74
N ASP A 110 18.81 -14.77 -10.54
CA ASP A 110 18.42 -15.70 -9.49
C ASP A 110 16.98 -15.48 -9.06
N ARG A 111 16.53 -14.22 -9.04
CA ARG A 111 15.14 -13.92 -8.70
C ARG A 111 14.20 -14.56 -9.72
N PHE A 112 14.55 -14.47 -11.00
CA PHE A 112 13.71 -15.05 -12.04
C PHE A 112 13.77 -16.57 -12.01
N LYS A 113 14.96 -17.12 -11.82
CA LYS A 113 15.13 -18.57 -11.81
C LYS A 113 14.39 -19.20 -10.65
N ALA A 114 14.44 -18.57 -9.48
CA ALA A 114 13.80 -19.09 -8.29
C ALA A 114 12.29 -19.17 -8.45
N TYR A 115 11.69 -18.14 -9.04
CA TYR A 115 10.24 -18.06 -9.20
C TYR A 115 9.79 -18.32 -10.63
N GLN A 116 10.59 -19.05 -11.41
CA GLN A 116 10.22 -19.29 -12.81
C GLN A 116 8.94 -20.09 -12.94
N LYS A 117 8.75 -21.11 -12.08
CA LYS A 117 7.54 -21.91 -12.14
C LYS A 117 6.31 -21.07 -11.81
N GLU A 118 6.42 -20.19 -10.81
CA GLU A 118 5.31 -19.30 -10.48
C GLU A 118 5.06 -18.27 -11.59
N ILE A 119 6.08 -17.90 -12.34
CA ILE A 119 5.89 -16.96 -13.44
C ILE A 119 5.04 -17.58 -14.53
N LEU A 120 5.35 -18.82 -14.92
CA LEU A 120 4.60 -19.48 -15.97
C LEU A 120 3.15 -19.72 -15.55
N ARG A 121 2.94 -20.12 -14.30
CA ARG A 121 1.59 -20.38 -13.81
C ARG A 121 0.78 -19.11 -13.55
N GLY A 122 1.40 -17.94 -13.64
CA GLY A 122 0.68 -16.70 -13.45
C GLY A 122 0.41 -16.37 -12.00
N ASP A 123 1.12 -17.01 -11.07
CA ASP A 123 0.98 -16.72 -9.66
C ASP A 123 1.86 -15.58 -9.18
N MET A 124 2.75 -15.07 -10.04
CA MET A 124 3.65 -13.99 -9.68
C MET A 124 3.99 -13.19 -10.92
N SER A 125 4.23 -11.90 -10.75
CA SER A 125 4.55 -11.04 -11.88
C SER A 125 6.06 -11.01 -12.13
N ILE A 126 6.43 -10.63 -13.34
CA ILE A 126 7.85 -10.43 -13.65
C ILE A 126 8.37 -9.27 -12.80
N PRO A 127 9.50 -9.42 -12.10
CA PRO A 127 9.99 -8.33 -11.24
C PRO A 127 10.43 -7.13 -12.07
N SER A 128 10.01 -5.95 -11.63
CA SER A 128 10.46 -4.67 -12.19
C SER A 128 11.07 -3.84 -11.08
N TYR A 129 12.18 -3.18 -11.38
CA TYR A 129 13.00 -2.54 -10.37
C TYR A 129 12.81 -1.03 -10.39
N LYS A 130 12.77 -0.44 -9.18
CA LYS A 130 12.43 0.96 -9.03
C LYS A 130 13.64 1.85 -9.36
N ARG A 131 13.52 3.13 -9.02
CA ARG A 131 14.50 4.12 -9.46
C ARG A 131 15.76 4.10 -8.60
N ASP A 132 15.63 4.39 -7.31
CA ASP A 132 16.77 4.46 -6.41
C ASP A 132 17.12 3.05 -5.96
N HIS A 133 18.29 2.58 -6.39
CA HIS A 133 18.68 1.20 -6.11
C HIS A 133 20.06 1.17 -5.46
N PRO A 134 20.27 0.29 -4.48
CA PRO A 134 21.59 0.18 -3.84
C PRO A 134 22.65 -0.24 -4.84
N LEU A 135 23.87 0.26 -4.61
CA LEU A 135 25.01 -0.07 -5.46
C LEU A 135 25.73 -1.29 -4.89
N ASP A 136 25.76 -2.38 -5.66
CA ASP A 136 26.38 -3.61 -5.17
C ASP A 136 27.90 -3.44 -5.06
N LEU A 137 28.46 -4.07 -4.02
CA LEU A 137 29.90 -4.11 -3.83
C LEU A 137 30.32 -5.54 -3.53
N ILE A 138 31.41 -5.99 -4.15
CA ILE A 138 31.93 -7.33 -3.97
C ILE A 138 32.90 -7.33 -2.79
N LYS A 139 33.07 -8.49 -2.15
CA LYS A 139 34.01 -8.64 -1.04
C LYS A 139 35.39 -8.08 -1.38
N GLU A 140 35.91 -8.42 -2.57
CA GLU A 140 37.25 -7.98 -2.95
C GLU A 140 37.29 -6.50 -3.33
N ASN A 141 36.15 -5.85 -3.53
CA ASN A 141 36.15 -4.46 -3.95
C ASN A 141 36.15 -3.51 -2.76
N ILE A 142 35.67 -3.96 -1.61
CA ILE A 142 35.62 -3.11 -0.44
C ILE A 142 36.78 -3.45 0.50
N SER A 143 37.38 -2.41 1.07
CA SER A 143 38.48 -2.57 2.01
C SER A 143 38.47 -1.38 2.96
N VAL A 144 38.76 -1.66 4.23
CA VAL A 144 38.70 -0.65 5.28
C VAL A 144 40.01 -0.68 6.06
N ASN A 145 40.53 0.50 6.37
CA ASN A 145 41.77 0.65 7.12
C ASN A 145 41.59 1.73 8.17
N ARG A 146 42.39 1.63 9.24
CA ARG A 146 42.37 2.61 10.32
C ARG A 146 43.70 3.34 10.33
N MET A 147 43.66 4.65 10.18
CA MET A 147 44.87 5.46 10.20
C MET A 147 45.40 5.59 11.62
N ASN A 148 46.62 6.11 11.74
CA ASN A 148 47.23 6.27 13.05
C ASN A 148 46.46 7.26 13.91
N HIS A 149 45.91 8.32 13.29
CA HIS A 149 45.23 9.38 14.02
C HIS A 149 43.78 9.05 14.36
N GLY A 150 43.40 7.77 14.28
CA GLY A 150 42.10 7.35 14.76
C GLY A 150 40.94 7.62 13.83
N ASP A 151 41.18 7.67 12.52
CA ASP A 151 40.13 7.82 11.53
C ASP A 151 40.06 6.58 10.65
N TYR A 152 38.85 6.25 10.21
CA TYR A 152 38.60 5.05 9.40
C TYR A 152 38.42 5.46 7.95
N ILE A 153 39.22 4.85 7.06
CA ILE A 153 39.15 5.10 5.64
C ILE A 153 38.73 3.81 4.94
N ALA A 154 37.73 3.91 4.08
CA ALA A 154 37.24 2.78 3.30
C ALA A 154 37.55 3.03 1.83
N SER A 155 38.31 2.12 1.23
CA SER A 155 38.64 2.20 -0.20
C SER A 155 37.64 1.37 -0.97
N LEU A 156 36.95 2.02 -1.91
CA LEU A 156 35.86 1.40 -2.67
C LEU A 156 36.25 1.33 -4.14
N SER A 157 36.05 0.18 -4.76
CA SER A 157 36.21 0.02 -6.20
C SER A 157 34.84 0.12 -6.84
N LEU A 158 34.53 1.27 -7.45
CA LEU A 158 33.21 1.54 -7.97
C LEU A 158 33.21 1.90 -9.46
N LEU A 159 34.35 1.85 -10.13
CA LEU A 159 34.45 2.31 -11.50
C LEU A 159 35.23 1.31 -12.34
N SER A 160 34.96 1.33 -13.65
CA SER A 160 35.68 0.50 -14.60
C SER A 160 36.81 1.32 -15.23
N ASN A 161 37.68 0.65 -15.98
CA ASN A 161 38.83 1.34 -16.57
C ASN A 161 38.41 2.46 -17.51
N PRO A 162 37.45 2.27 -18.43
CA PRO A 162 36.96 3.45 -19.19
C PRO A 162 36.38 4.53 -18.28
N ALA A 163 35.66 4.13 -17.23
CA ALA A 163 35.05 5.11 -16.34
C ALA A 163 36.11 5.89 -15.57
N LYS A 164 37.16 5.19 -15.11
CA LYS A 164 38.22 5.86 -14.37
C LYS A 164 38.95 6.87 -15.26
N GLN A 165 39.14 6.53 -16.54
CA GLN A 165 39.79 7.45 -17.46
C GLN A 165 38.97 8.72 -17.67
N GLU A 166 37.65 8.57 -17.84
CA GLU A 166 36.81 9.73 -18.13
C GLU A 166 36.51 10.57 -16.90
N MET A 167 36.65 10.00 -15.70
CA MET A 167 36.37 10.74 -14.48
C MET A 167 37.65 11.14 -13.75
N ASN A 168 38.80 10.92 -14.37
CA ASN A 168 40.10 11.39 -13.87
C ASN A 168 40.52 10.66 -12.60
N VAL A 169 39.69 9.74 -12.11
CA VAL A 169 40.09 8.94 -10.96
C VAL A 169 41.05 7.85 -11.43
N LYS A 170 42.17 7.70 -10.70
CA LYS A 170 43.20 6.76 -11.10
C LYS A 170 43.46 5.68 -10.04
N ARG A 171 42.66 5.62 -8.99
CA ARG A 171 42.82 4.63 -7.94
C ARG A 171 41.46 4.43 -7.27
N LYS A 172 41.46 3.81 -6.10
CA LYS A 172 40.22 3.63 -5.35
C LYS A 172 39.68 4.99 -4.90
N ILE A 173 38.36 5.09 -4.82
CA ILE A 173 37.71 6.28 -4.27
C ILE A 173 37.53 6.09 -2.77
N SER A 174 38.37 6.74 -1.98
CA SER A 174 38.32 6.58 -0.53
C SER A 174 37.24 7.47 0.07
N VAL A 175 36.63 6.99 1.14
CA VAL A 175 35.64 7.73 1.91
C VAL A 175 35.95 7.58 3.39
N ILE A 176 35.36 8.45 4.20
CA ILE A 176 35.53 8.43 5.65
C ILE A 176 34.19 8.01 6.26
N ILE A 177 34.21 6.96 7.07
CA ILE A 177 33.01 6.42 7.70
C ILE A 177 33.12 6.62 9.20
N ILE A 178 32.01 7.02 9.82
CA ILE A 178 31.96 7.23 11.27
C ILE A 178 31.81 5.86 11.92
N VAL A 179 32.89 5.36 12.50
CA VAL A 179 32.88 4.09 13.21
C VAL A 179 32.83 4.40 14.70
N ARG A 180 31.65 4.26 15.29
CA ARG A 180 31.44 4.66 16.67
C ARG A 180 30.42 3.73 17.31
N GLY A 181 30.40 3.72 18.64
CA GLY A 181 29.46 2.91 19.37
C GLY A 181 29.68 1.42 19.11
N ALA A 182 28.59 0.70 18.89
CA ALA A 182 28.68 -0.72 18.57
C ALA A 182 29.22 -0.98 17.18
N GLY A 183 29.31 0.05 16.33
CA GLY A 183 29.95 -0.11 15.05
C GLY A 183 31.46 -0.25 15.17
N LYS A 184 32.03 0.23 16.27
CA LYS A 184 33.46 0.10 16.47
C LYS A 184 33.86 -1.36 16.73
N THR A 185 33.08 -2.06 17.56
CA THR A 185 33.40 -3.44 17.88
C THR A 185 33.31 -4.31 16.63
N ILE A 186 32.29 -4.11 15.81
CA ILE A 186 32.14 -4.91 14.60
C ILE A 186 33.29 -4.63 13.63
N MET A 187 33.64 -3.36 13.46
CA MET A 187 34.74 -3.03 12.55
C MET A 187 36.08 -3.48 13.09
N ASP A 188 36.26 -3.43 14.42
CA ASP A 188 37.49 -3.92 15.02
C ASP A 188 37.67 -5.41 14.78
N ARG A 189 36.59 -6.19 14.89
CA ARG A 189 36.67 -7.62 14.61
C ARG A 189 36.87 -7.90 13.14
N ILE A 190 36.34 -7.05 12.25
CA ILE A 190 36.59 -7.22 10.83
C ILE A 190 38.06 -7.01 10.52
N LEU A 191 38.66 -5.95 11.09
CA LEU A 191 40.07 -5.69 10.85
C LEU A 191 40.95 -6.79 11.43
N SER A 192 40.61 -7.28 12.63
CA SER A 192 41.39 -8.35 13.25
C SER A 192 41.30 -9.64 12.43
N GLY A 193 40.11 -9.98 11.97
CA GLY A 193 39.91 -11.18 11.17
C GLY A 193 38.87 -12.13 11.70
N GLU A 194 38.28 -11.86 12.87
CA GLU A 194 37.22 -12.73 13.38
C GLU A 194 36.03 -12.72 12.43
N TYR A 195 35.67 -11.55 11.92
CA TYR A 195 34.58 -11.40 10.97
C TYR A 195 35.13 -11.30 9.55
N GLN A 196 34.38 -11.85 8.60
CA GLN A 196 34.76 -11.82 7.20
C GLN A 196 33.70 -11.05 6.42
N VAL A 197 34.14 -10.04 5.68
CA VAL A 197 33.20 -9.20 4.93
C VAL A 197 32.70 -9.97 3.71
N SER A 198 31.38 -9.98 3.53
CA SER A 198 30.74 -10.49 2.33
C SER A 198 30.34 -9.33 1.44
N ALA A 199 29.61 -9.66 0.37
CA ALA A 199 29.14 -8.64 -0.55
C ALA A 199 28.29 -7.60 0.16
N SER A 200 28.57 -6.34 -0.11
CA SER A 200 27.93 -5.21 0.56
C SER A 200 27.23 -4.33 -0.47
N GLN A 201 26.69 -3.21 0.00
CA GLN A 201 26.08 -2.24 -0.89
C GLN A 201 26.12 -0.86 -0.25
N ILE A 202 25.91 0.16 -1.09
CA ILE A 202 25.88 1.55 -0.67
C ILE A 202 24.43 2.02 -0.72
N ILE A 203 23.95 2.54 0.39
CA ILE A 203 22.54 2.92 0.54
C ILE A 203 22.45 4.43 0.68
N HIS A 204 21.48 5.02 -0.01
CA HIS A 204 21.19 6.45 0.10
C HIS A 204 19.81 6.62 0.74
N LYS A 205 19.73 7.54 1.70
CA LYS A 205 18.49 7.82 2.41
C LYS A 205 18.01 9.22 2.06
N ASP A 206 16.74 9.33 1.66
CA ASP A 206 16.19 10.64 1.31
C ASP A 206 16.18 11.57 2.51
N ARG A 207 15.75 11.06 3.66
CA ARG A 207 15.78 11.87 4.88
C ARG A 207 17.21 12.01 5.38
N LYS A 208 17.58 13.24 5.72
CA LYS A 208 18.92 13.66 6.17
C LYS A 208 19.94 13.68 5.05
N ASN A 209 19.60 13.20 3.86
CA ASN A 209 20.48 13.20 2.70
C ASN A 209 21.86 12.66 3.04
N LYS A 210 21.92 11.42 3.52
CA LYS A 210 23.17 10.79 3.91
C LYS A 210 23.35 9.48 3.18
N TRP A 211 24.57 9.24 2.71
CA TRP A 211 24.93 7.96 2.12
C TRP A 211 25.48 7.03 3.20
N TYR A 212 25.32 5.73 2.98
CA TYR A 212 25.72 4.74 3.97
C TYR A 212 26.50 3.62 3.28
N LEU A 213 27.28 2.90 4.07
CA LEU A 213 27.99 1.72 3.63
C LEU A 213 27.44 0.51 4.38
N ASN A 214 26.75 -0.38 3.67
CA ASN A 214 26.03 -1.49 4.29
C ASN A 214 26.91 -2.72 4.29
N ILE A 215 27.85 -2.76 5.23
CA ILE A 215 28.78 -3.89 5.31
C ILE A 215 28.07 -5.09 5.91
N SER A 216 28.07 -6.19 5.17
CA SER A 216 27.57 -7.47 5.67
C SER A 216 28.74 -8.40 5.94
N TYR A 217 28.72 -9.05 7.09
CA TYR A 217 29.86 -9.84 7.55
C TYR A 217 29.39 -11.23 8.00
N ARG A 218 30.33 -12.16 7.96
CA ARG A 218 30.10 -13.56 8.34
C ARG A 218 30.83 -13.84 9.65
N PHE A 219 30.12 -14.40 10.62
CA PHE A 219 30.70 -14.75 11.90
C PHE A 219 30.15 -16.10 12.38
N GLU A 220 30.77 -16.62 13.42
CA GLU A 220 30.40 -17.92 14.00
C GLU A 220 29.70 -17.69 15.33
N PRO A 221 28.43 -18.06 15.47
CA PRO A 221 27.74 -17.84 16.75
C PRO A 221 28.35 -18.66 17.87
N GLN A 222 28.47 -18.03 19.03
CA GLN A 222 28.91 -18.71 20.25
C GLN A 222 27.69 -19.03 21.09
N THR A 223 27.31 -20.31 21.14
CA THR A 223 26.10 -20.75 21.80
C THR A 223 26.45 -21.61 23.00
N ARG A 224 25.97 -21.22 24.17
CA ARG A 224 26.16 -22.01 25.37
C ARG A 224 25.17 -23.18 25.40
N VAL A 225 25.60 -24.28 26.00
CA VAL A 225 24.75 -25.46 26.11
C VAL A 225 23.59 -25.15 27.04
N LEU A 226 22.39 -25.08 26.49
CA LEU A 226 21.18 -24.79 27.26
C LEU A 226 20.28 -26.02 27.23
N ASP A 227 19.70 -26.34 28.38
CA ASP A 227 18.82 -27.50 28.49
C ASP A 227 17.62 -27.34 27.57
N LEU A 228 17.37 -28.36 26.75
CA LEU A 228 16.30 -28.31 25.76
C LEU A 228 14.93 -28.61 26.35
N ASN A 229 14.86 -29.13 27.57
CA ASN A 229 13.58 -29.40 28.21
C ASN A 229 12.93 -28.16 28.79
N LYS A 230 13.68 -27.06 28.94
CA LYS A 230 13.13 -25.82 29.44
C LYS A 230 12.50 -25.03 28.30
N ILE A 231 11.21 -24.71 28.45
CA ILE A 231 10.44 -24.06 27.41
C ILE A 231 9.81 -22.80 27.99
N MET A 232 9.96 -21.69 27.28
CA MET A 232 9.31 -20.43 27.62
C MET A 232 8.23 -20.12 26.60
N GLY A 233 7.06 -19.71 27.09
CA GLY A 233 5.92 -19.41 26.23
C GLY A 233 5.74 -17.92 26.07
N ILE A 234 5.46 -17.50 24.84
CA ILE A 234 5.16 -16.10 24.52
C ILE A 234 3.70 -16.03 24.12
N ASP A 235 2.93 -15.23 24.85
CA ASP A 235 1.50 -15.04 24.56
C ASP A 235 1.26 -13.57 24.29
N LEU A 236 0.90 -13.26 23.04
CA LEU A 236 0.46 -11.90 22.72
C LEU A 236 -0.90 -11.68 23.36
N GLY A 237 -0.92 -10.98 24.51
CA GLY A 237 -2.10 -10.88 25.32
C GLY A 237 -3.04 -9.76 24.89
N VAL A 238 -4.10 -9.59 25.67
CA VAL A 238 -5.13 -8.59 25.39
C VAL A 238 -4.77 -7.30 26.11
N ALA A 239 -4.67 -7.35 27.43
CA ALA A 239 -4.31 -6.17 28.20
C ALA A 239 -2.82 -5.87 28.10
N VAL A 240 -1.99 -6.91 28.00
CA VAL A 240 -0.54 -6.78 27.96
C VAL A 240 -0.07 -7.12 26.55
N ALA A 241 0.91 -6.38 26.06
CA ALA A 241 1.41 -6.58 24.70
C ALA A 241 1.96 -7.99 24.53
N ALA A 242 2.71 -8.48 25.51
CA ALA A 242 3.24 -9.83 25.48
C ALA A 242 3.51 -10.28 26.91
N TYR A 243 3.06 -11.50 27.24
CA TYR A 243 3.25 -12.08 28.56
C TYR A 243 4.05 -13.37 28.43
N MET A 244 5.07 -13.52 29.28
CA MET A 244 5.97 -14.66 29.24
C MET A 244 5.85 -15.45 30.54
N ALA A 245 5.86 -16.78 30.42
CA ALA A 245 5.79 -17.65 31.58
C ALA A 245 6.59 -18.92 31.31
N PHE A 246 6.94 -19.60 32.39
CA PHE A 246 7.71 -20.84 32.31
C PHE A 246 6.99 -21.91 33.12
N GLN A 247 7.07 -23.15 32.64
CA GLN A 247 6.38 -24.25 33.32
C GLN A 247 7.09 -24.66 34.60
N HIS A 248 8.42 -24.72 34.58
CA HIS A 248 9.16 -25.25 35.72
C HIS A 248 9.16 -24.27 36.89
N THR A 249 9.40 -22.99 36.64
CA THR A 249 9.51 -21.98 37.67
C THR A 249 8.31 -21.05 37.64
N PRO A 250 7.86 -20.58 38.80
CA PRO A 250 6.73 -19.63 38.83
C PRO A 250 7.17 -18.20 38.62
N ALA A 251 7.97 -17.95 37.59
CA ALA A 251 8.40 -16.61 37.24
C ALA A 251 7.62 -16.10 36.04
N ARG A 252 7.29 -14.80 36.06
CA ARG A 252 6.52 -14.21 34.98
C ARG A 252 7.12 -12.88 34.59
N TYR A 253 7.15 -12.61 33.29
CA TYR A 253 7.58 -11.32 32.75
C TYR A 253 6.57 -10.85 31.72
N LYS A 254 6.47 -9.54 31.56
CA LYS A 254 5.49 -8.98 30.66
C LYS A 254 6.02 -7.68 30.05
N LEU A 255 5.50 -7.35 28.89
CA LEU A 255 5.76 -6.09 28.20
C LEU A 255 4.44 -5.32 28.17
N GLU A 256 4.30 -4.36 29.09
CA GLU A 256 3.03 -3.65 29.24
C GLU A 256 2.65 -2.92 27.97
N GLY A 257 3.63 -2.42 27.23
CA GLY A 257 3.34 -1.69 26.01
C GLY A 257 2.58 -0.41 26.22
N GLY A 258 2.86 0.30 27.32
CA GLY A 258 2.20 1.57 27.56
C GLY A 258 2.59 2.63 26.55
N GLU A 259 3.87 2.65 26.16
CA GLU A 259 4.34 3.67 25.23
C GLU A 259 3.77 3.46 23.83
N ILE A 260 3.29 2.26 23.53
CA ILE A 260 2.71 1.99 22.21
C ILE A 260 1.38 2.71 22.05
N GLU A 261 0.56 2.70 23.11
CA GLU A 261 -0.76 3.32 23.03
C GLU A 261 -0.66 4.82 22.79
N ASN A 262 0.31 5.47 23.46
CA ASN A 262 0.46 6.92 23.30
C ASN A 262 0.84 7.28 21.87
N PHE A 263 1.68 6.45 21.24
CA PHE A 263 2.15 6.77 19.89
C PHE A 263 1.01 6.78 18.88
N ARG A 264 0.13 5.79 18.93
CA ARG A 264 -0.89 5.68 17.90
C ARG A 264 -1.94 6.78 18.03
N ARG A 265 -2.18 7.24 19.27
CA ARG A 265 -3.15 8.33 19.45
C ARG A 265 -2.70 9.59 18.73
N GLN A 266 -1.42 9.94 18.84
CA GLN A 266 -0.92 11.12 18.15
C GLN A 266 -0.90 10.92 16.64
N VAL A 267 -0.55 9.71 16.20
CA VAL A 267 -0.44 9.45 14.76
C VAL A 267 -1.81 9.45 14.10
N GLU A 268 -2.80 8.82 14.75
CA GLU A 268 -4.14 8.76 14.17
C GLU A 268 -4.73 10.15 14.01
N SER A 269 -4.59 10.99 15.02
CA SER A 269 -5.09 12.37 14.93
C SER A 269 -4.37 13.14 13.84
N ARG A 270 -3.05 12.95 13.74
CA ARG A 270 -2.27 13.68 12.75
C ARG A 270 -2.60 13.22 11.33
N ARG A 271 -2.75 11.91 11.12
CA ARG A 271 -2.98 11.40 9.78
C ARG A 271 -4.34 11.81 9.25
N ILE A 272 -5.36 11.79 10.11
CA ILE A 272 -6.70 12.20 9.70
C ILE A 272 -6.70 13.67 9.30
N SER A 273 -6.03 14.50 10.10
CA SER A 273 -6.02 15.94 9.85
C SER A 273 -5.34 16.26 8.52
N MET A 274 -4.25 15.56 8.21
CA MET A 274 -3.53 15.83 6.97
C MET A 274 -4.38 15.54 5.74
N LEU A 275 -5.12 14.43 5.76
CA LEU A 275 -5.91 14.04 4.60
C LEU A 275 -7.03 15.04 4.31
N ARG A 276 -7.68 15.53 5.36
CA ARG A 276 -8.79 16.47 5.17
C ARG A 276 -8.31 17.78 4.55
N GLN A 277 -7.13 18.25 4.96
CA GLN A 277 -6.59 19.48 4.38
C GLN A 277 -6.28 19.31 2.89
N GLY A 278 -6.00 18.08 2.46
CA GLY A 278 -5.74 17.83 1.06
C GLY A 278 -6.89 18.20 0.15
N LYS A 279 -8.12 18.24 0.67
CA LYS A 279 -9.26 18.67 -0.12
C LYS A 279 -9.21 20.14 -0.48
N TYR A 280 -8.57 20.97 0.33
CA TYR A 280 -8.46 22.41 0.06
C TYR A 280 -7.06 22.90 0.34
N ALA A 281 -6.05 22.16 -0.11
CA ALA A 281 -4.67 22.49 0.18
C ALA A 281 -4.21 23.69 -0.65
N GLY A 282 -2.93 24.03 -0.52
CA GLY A 282 -2.37 25.16 -1.24
C GLY A 282 -2.22 24.88 -2.72
N GLY A 283 -1.89 25.95 -3.45
CA GLY A 283 -1.73 25.84 -4.88
C GLY A 283 -0.55 24.98 -5.28
N ALA A 284 0.57 25.11 -4.56
CA ALA A 284 1.77 24.35 -4.88
C ALA A 284 1.69 22.89 -4.43
N ARG A 285 0.66 22.52 -3.68
CA ARG A 285 0.47 21.12 -3.32
C ARG A 285 0.28 20.24 -4.54
N GLY A 286 -0.25 20.78 -5.64
CA GLY A 286 -0.47 20.01 -6.83
C GLY A 286 0.18 20.66 -8.04
N GLY A 287 0.35 19.88 -9.08
CA GLY A 287 0.98 20.32 -10.30
C GLY A 287 2.45 19.98 -10.43
N HIS A 288 2.99 19.14 -9.55
CA HIS A 288 4.41 18.79 -9.58
C HIS A 288 4.64 17.30 -9.37
N GLY A 289 3.66 16.46 -9.73
CA GLY A 289 3.83 15.03 -9.66
C GLY A 289 3.24 14.41 -8.41
N ARG A 290 3.35 13.08 -8.34
CA ARG A 290 2.79 12.34 -7.21
C ARG A 290 3.62 12.50 -5.95
N ASP A 291 4.95 12.57 -6.09
CA ASP A 291 5.81 12.58 -4.91
C ASP A 291 5.57 13.82 -4.05
N LYS A 292 5.39 14.98 -4.68
CA LYS A 292 5.15 16.20 -3.92
C LYS A 292 3.77 16.18 -3.25
N ARG A 293 2.76 15.66 -3.94
CA ARG A 293 1.40 15.69 -3.41
C ARG A 293 1.26 14.84 -2.16
N ILE A 294 1.87 13.65 -2.15
CA ILE A 294 1.76 12.74 -1.02
C ILE A 294 2.97 12.81 -0.10
N LYS A 295 3.73 13.90 -0.15
CA LYS A 295 4.87 14.04 0.75
C LYS A 295 4.48 14.06 2.22
N PRO A 296 3.47 14.81 2.66
CA PRO A 296 3.16 14.79 4.11
C PRO A 296 2.80 13.42 4.65
N ILE A 297 2.10 12.59 3.88
CA ILE A 297 1.69 11.30 4.40
C ILE A 297 2.85 10.30 4.32
N GLU A 298 3.71 10.43 3.31
CA GLU A 298 4.88 9.56 3.23
C GLU A 298 5.79 9.74 4.44
N GLN A 299 5.99 10.96 4.89
CA GLN A 299 6.78 11.19 6.10
C GLN A 299 6.13 10.55 7.30
N LEU A 300 4.80 10.65 7.43
CA LEU A 300 4.11 10.00 8.54
C LEU A 300 4.18 8.49 8.42
N ARG A 301 4.04 7.96 7.20
CA ARG A 301 4.11 6.50 7.02
C ARG A 301 5.51 5.97 7.33
N ASP A 302 6.54 6.75 7.00
CA ASP A 302 7.91 6.34 7.32
C ASP A 302 8.16 6.38 8.82
N LYS A 303 7.54 7.34 9.52
CA LYS A 303 7.72 7.45 10.97
C LYS A 303 7.15 6.23 11.68
N ILE A 304 5.97 5.76 11.26
CA ILE A 304 5.36 4.60 11.88
C ILE A 304 6.24 3.37 11.66
N ALA A 305 6.78 3.23 10.46
CA ALA A 305 7.61 2.07 10.15
C ALA A 305 8.87 2.05 11.02
N ASN A 306 9.48 3.21 11.23
CA ASN A 306 10.69 3.28 12.06
C ASN A 306 10.37 2.98 13.52
N PHE A 307 9.20 3.44 14.01
CA PHE A 307 8.84 3.20 15.40
C PHE A 307 8.60 1.72 15.66
N ARG A 308 7.90 1.04 14.75
CA ARG A 308 7.65 -0.39 14.91
C ARG A 308 8.96 -1.18 14.89
N ASP A 309 9.89 -0.79 14.03
CA ASP A 309 11.16 -1.49 13.93
C ASP A 309 11.94 -1.40 15.24
N THR A 310 11.96 -0.21 15.86
CA THR A 310 12.64 -0.07 17.14
C THR A 310 11.89 -0.78 18.26
N THR A 311 10.56 -0.69 18.28
CA THR A 311 9.78 -1.36 19.31
C THR A 311 9.92 -2.88 19.21
N ASN A 312 9.89 -3.41 17.99
CA ASN A 312 10.10 -4.84 17.80
C ASN A 312 11.52 -5.27 18.15
N HIS A 313 12.50 -4.38 17.94
CA HIS A 313 13.88 -4.71 18.27
C HIS A 313 14.09 -4.84 19.78
N ARG A 314 13.56 -3.89 20.56
CA ARG A 314 13.72 -3.95 22.00
C ARG A 314 12.83 -5.00 22.63
N TYR A 315 11.68 -5.30 22.03
CA TYR A 315 10.80 -6.32 22.56
C TYR A 315 11.39 -7.71 22.36
N SER A 316 11.96 -7.98 21.18
CA SER A 316 12.56 -9.27 20.93
C SER A 316 13.77 -9.51 21.82
N ARG A 317 14.58 -8.47 22.04
CA ARG A 317 15.74 -8.61 22.90
C ARG A 317 15.35 -8.94 24.34
N TYR A 318 14.30 -8.30 24.84
CA TYR A 318 13.84 -8.57 26.19
C TYR A 318 13.36 -10.01 26.33
N ILE A 319 12.65 -10.51 25.32
CA ILE A 319 12.13 -11.88 25.39
C ILE A 319 13.27 -12.89 25.39
N VAL A 320 14.25 -12.69 24.50
CA VAL A 320 15.38 -13.63 24.43
C VAL A 320 16.21 -13.55 25.70
N ASP A 321 16.42 -12.34 26.23
CA ASP A 321 17.24 -12.19 27.42
C ASP A 321 16.60 -12.86 28.63
N MET A 322 15.27 -12.82 28.73
CA MET A 322 14.59 -13.52 29.83
C MET A 322 14.79 -15.02 29.71
N ALA A 323 14.75 -15.56 28.50
CA ALA A 323 15.00 -16.98 28.31
C ALA A 323 16.41 -17.36 28.72
N ILE A 324 17.38 -16.52 28.37
CA ILE A 324 18.77 -16.80 28.70
C ILE A 324 18.97 -16.83 30.22
N LYS A 325 18.37 -15.87 30.92
CA LYS A 325 18.55 -15.80 32.37
C LYS A 325 17.98 -17.03 33.06
N GLU A 326 16.83 -17.51 32.59
CA GLU A 326 16.20 -18.68 33.19
C GLU A 326 16.77 -19.99 32.68
N GLY A 327 17.73 -19.95 31.76
CA GLY A 327 18.34 -21.16 31.24
C GLY A 327 17.50 -21.91 30.23
N CYS A 328 16.45 -21.31 29.70
CA CYS A 328 15.61 -21.99 28.73
C CYS A 328 16.37 -22.21 27.43
N GLY A 329 16.14 -23.37 26.82
CA GLY A 329 16.77 -23.69 25.56
C GLY A 329 15.77 -23.80 24.43
N THR A 330 14.49 -23.62 24.73
CA THR A 330 13.43 -23.71 23.74
C THR A 330 12.42 -22.59 24.02
N ILE A 331 11.95 -21.98 22.94
CA ILE A 331 10.94 -20.93 23.00
C ILE A 331 9.79 -21.32 22.10
N GLN A 332 8.57 -21.31 22.66
CA GLN A 332 7.38 -21.62 21.90
C GLN A 332 6.49 -20.40 21.81
N MET A 333 5.95 -20.15 20.62
CA MET A 333 5.11 -18.99 20.37
C MET A 333 3.91 -19.44 19.54
N GLU A 334 3.06 -18.48 19.20
CA GLU A 334 1.84 -18.76 18.47
C GLU A 334 2.06 -18.56 16.98
N ASP A 335 1.57 -19.51 16.18
CA ASP A 335 1.59 -19.35 14.72
C ASP A 335 0.41 -18.49 14.30
N LEU A 336 0.69 -17.33 13.73
CA LEU A 336 -0.33 -16.34 13.41
C LEU A 336 -0.82 -16.44 11.97
N THR A 337 -0.39 -17.48 11.23
CA THR A 337 -0.85 -17.64 9.86
C THR A 337 -2.35 -17.91 9.80
N ASN A 338 -2.87 -18.72 10.71
CA ASN A 338 -4.29 -19.10 10.70
C ASN A 338 -5.16 -17.99 11.31
N ILE A 339 -4.79 -17.54 12.51
CA ILE A 339 -5.54 -16.53 13.23
C ILE A 339 -5.59 -15.23 12.43
N ARG A 340 -6.78 -14.68 12.24
CA ARG A 340 -6.96 -13.43 11.52
C ARG A 340 -7.84 -12.43 12.26
N ASP A 341 -8.33 -12.78 13.45
CA ASP A 341 -9.14 -11.88 14.28
C ASP A 341 -8.23 -11.31 15.36
N ILE A 342 -7.61 -10.18 15.06
CA ILE A 342 -6.60 -9.57 15.94
C ILE A 342 -7.34 -8.73 16.97
N GLY A 343 -7.74 -9.35 18.07
CA GLY A 343 -8.35 -8.64 19.17
C GLY A 343 -7.37 -8.40 20.30
N SER A 344 -6.08 -8.46 19.98
CA SER A 344 -5.00 -8.32 20.94
C SER A 344 -4.77 -6.84 21.25
N ARG A 345 -3.74 -6.56 22.04
CA ARG A 345 -3.46 -5.18 22.43
C ARG A 345 -3.07 -4.34 21.22
N PHE A 346 -2.38 -4.93 20.27
CA PHE A 346 -1.91 -4.23 19.08
C PHE A 346 -3.08 -3.97 18.12
N LEU A 347 -3.97 -3.06 18.56
CA LEU A 347 -5.18 -2.77 17.80
C LEU A 347 -4.90 -2.10 16.47
N GLN A 348 -3.71 -1.53 16.29
CA GLN A 348 -3.38 -0.82 15.06
C GLN A 348 -2.75 -1.77 14.05
N ASN A 349 -3.00 -3.06 14.20
CA ASN A 349 -2.48 -4.09 13.30
C ASN A 349 -0.95 -4.05 13.25
N TRP A 350 -0.35 -4.39 14.38
CA TRP A 350 1.10 -4.39 14.51
C TRP A 350 1.73 -5.33 13.50
N THR A 351 3.00 -5.08 13.20
CA THR A 351 3.77 -5.92 12.27
C THR A 351 4.29 -7.13 13.04
N TYR A 352 3.41 -8.11 13.21
CA TYR A 352 3.74 -9.30 14.00
C TYR A 352 4.86 -10.11 13.36
N TYR A 353 4.86 -10.20 12.03
CA TYR A 353 5.87 -11.00 11.35
C TYR A 353 7.27 -10.49 11.61
N ASP A 354 7.45 -9.16 11.57
CA ASP A 354 8.76 -8.60 11.87
C ASP A 354 9.17 -8.89 13.31
N LEU A 355 8.21 -8.87 14.24
CA LEU A 355 8.51 -9.20 15.62
C LEU A 355 8.94 -10.65 15.78
N GLN A 356 8.23 -11.58 15.12
CA GLN A 356 8.53 -12.99 15.28
C GLN A 356 9.85 -13.36 14.61
N GLN A 357 10.14 -12.76 13.46
CA GLN A 357 11.42 -13.01 12.80
C GLN A 357 12.57 -12.51 13.64
N LYS A 358 12.41 -11.37 14.30
CA LYS A 358 13.47 -10.84 15.16
C LYS A 358 13.72 -11.76 16.35
N ILE A 359 12.65 -12.36 16.88
CA ILE A 359 12.83 -13.31 17.99
C ILE A 359 13.63 -14.53 17.52
N ILE A 360 13.33 -15.01 16.31
CA ILE A 360 13.98 -16.23 15.82
C ILE A 360 15.48 -16.02 15.66
N TYR A 361 15.86 -14.96 14.96
CA TYR A 361 17.28 -14.79 14.64
C TYR A 361 18.08 -14.34 15.86
N LYS A 362 17.42 -13.75 16.86
CA LYS A 362 18.13 -13.42 18.10
C LYS A 362 18.18 -14.60 19.06
N ALA A 363 17.20 -15.50 18.99
CA ALA A 363 17.29 -16.73 19.78
C ALA A 363 18.25 -17.72 19.15
N GLU A 364 18.32 -17.74 17.82
CA GLU A 364 19.25 -18.63 17.14
C GLU A 364 20.70 -18.26 17.47
N GLU A 365 21.00 -16.97 17.54
CA GLU A 365 22.33 -16.52 17.94
C GLU A 365 22.68 -16.95 19.36
N ALA A 366 21.69 -17.13 20.22
CA ALA A 366 21.92 -17.54 21.60
C ALA A 366 21.79 -19.03 21.81
N GLY A 367 21.54 -19.81 20.75
CA GLY A 367 21.42 -21.24 20.86
C GLY A 367 20.03 -21.76 21.19
N ILE A 368 19.03 -20.89 21.24
CA ILE A 368 17.67 -21.31 21.56
C ILE A 368 16.91 -21.60 20.28
N LYS A 369 16.10 -22.65 20.31
CA LYS A 369 15.30 -23.09 19.18
C LYS A 369 13.86 -22.62 19.37
N VAL A 370 13.27 -22.07 18.32
CA VAL A 370 11.93 -21.49 18.36
C VAL A 370 10.96 -22.43 17.64
N ILE A 371 9.87 -22.77 18.32
CA ILE A 371 8.84 -23.65 17.79
C ILE A 371 7.52 -22.90 17.78
N LYS A 372 6.80 -22.97 16.66
CA LYS A 372 5.53 -22.28 16.50
C LYS A 372 4.40 -23.28 16.71
N ILE A 373 3.70 -23.18 17.84
CA ILE A 373 2.52 -24.00 18.10
C ILE A 373 1.31 -23.36 17.44
N ASP A 374 0.20 -24.12 17.37
CA ASP A 374 -1.04 -23.60 16.82
C ASP A 374 -1.88 -22.99 17.92
N PRO A 375 -2.17 -21.69 17.88
CA PRO A 375 -2.93 -21.07 18.96
C PRO A 375 -4.43 -21.29 18.85
N GLN A 376 -4.89 -22.47 19.28
CA GLN A 376 -6.31 -22.79 19.27
C GLN A 376 -6.70 -23.26 20.66
N TYR A 377 -7.67 -22.56 21.26
CA TYR A 377 -8.11 -22.85 22.63
C TYR A 377 -6.96 -22.78 23.63
N THR A 378 -5.93 -22.00 23.27
CA THR A 378 -4.81 -21.80 24.19
C THR A 378 -5.15 -20.86 25.32
N SER A 379 -5.94 -19.81 25.05
CA SER A 379 -6.38 -18.90 26.09
C SER A 379 -7.60 -19.40 26.84
N GLN A 380 -8.27 -20.44 26.33
CA GLN A 380 -9.44 -21.02 26.98
C GLN A 380 -9.07 -22.14 27.94
N ARG A 381 -8.02 -22.91 27.60
CA ARG A 381 -7.63 -24.04 28.42
C ARG A 381 -7.11 -23.58 29.78
N CYS A 382 -7.38 -24.38 30.81
CA CYS A 382 -6.84 -24.12 32.14
C CYS A 382 -5.47 -24.76 32.27
N SER A 383 -4.53 -24.03 32.88
CA SER A 383 -3.16 -24.52 33.00
C SER A 383 -2.96 -25.40 34.23
N GLU A 384 -4.01 -25.58 35.05
CA GLU A 384 -3.90 -26.43 36.23
C GLU A 384 -4.51 -27.81 36.00
N CYS A 385 -5.78 -27.86 35.58
CA CYS A 385 -6.46 -29.12 35.38
C CYS A 385 -6.62 -29.53 33.93
N GLY A 386 -6.43 -28.61 32.99
CA GLY A 386 -6.53 -28.92 31.58
C GLY A 386 -7.92 -28.92 31.01
N ASN A 387 -8.93 -28.58 31.80
CA ASN A 387 -10.29 -28.55 31.28
C ASN A 387 -10.44 -27.41 30.27
N ILE A 388 -10.97 -27.74 29.10
CA ILE A 388 -11.10 -26.79 28.00
C ILE A 388 -12.58 -26.49 27.83
N ASP A 389 -12.97 -25.24 28.09
CA ASP A 389 -14.34 -24.80 27.90
C ASP A 389 -14.36 -23.48 27.15
N SER A 390 -15.25 -23.37 26.18
CA SER A 390 -15.41 -22.15 25.39
C SER A 390 -16.43 -21.19 25.99
N GLY A 391 -17.07 -21.56 27.09
CA GLY A 391 -18.04 -20.68 27.71
C GLY A 391 -17.41 -19.42 28.29
N ASN A 392 -16.22 -19.56 28.87
CA ASN A 392 -15.54 -18.46 29.54
C ASN A 392 -14.70 -17.62 28.58
N ARG A 393 -14.97 -17.71 27.27
CA ARG A 393 -14.23 -16.93 26.28
C ARG A 393 -14.91 -15.56 26.13
N ILE A 394 -14.58 -14.68 27.08
CA ILE A 394 -15.11 -13.31 27.08
C ILE A 394 -14.03 -12.27 27.25
N GLY A 395 -12.78 -12.65 27.51
CA GLY A 395 -11.72 -11.69 27.71
C GLY A 395 -11.95 -10.80 28.92
N GLN A 396 -12.35 -11.42 30.03
CA GLN A 396 -12.69 -10.68 31.25
C GLN A 396 -11.46 -10.25 32.04
N ALA A 397 -10.26 -10.33 31.45
CA ALA A 397 -9.01 -9.92 32.07
C ALA A 397 -8.63 -10.84 33.23
N ILE A 398 -9.50 -11.80 33.55
CA ILE A 398 -9.22 -12.82 34.56
C ILE A 398 -9.60 -14.17 33.99
N PHE A 399 -9.14 -15.24 34.64
CA PHE A 399 -9.43 -16.60 34.20
C PHE A 399 -9.80 -17.43 35.43
N LYS A 400 -11.11 -17.57 35.67
CA LYS A 400 -11.62 -18.31 36.82
C LYS A 400 -12.10 -19.67 36.35
N CYS A 401 -11.32 -20.71 36.64
CA CYS A 401 -11.73 -22.06 36.29
C CYS A 401 -12.90 -22.50 37.16
N ARG A 402 -13.88 -23.13 36.53
CA ARG A 402 -15.06 -23.60 37.25
C ARG A 402 -14.84 -24.91 37.99
N ALA A 403 -13.76 -25.62 37.69
CA ALA A 403 -13.44 -26.88 38.35
C ALA A 403 -12.13 -26.81 39.12
N CYS A 404 -11.09 -26.23 38.52
CA CYS A 404 -9.80 -26.14 39.20
C CYS A 404 -9.86 -25.18 40.38
N GLY A 405 -10.64 -24.10 40.27
CA GLY A 405 -10.65 -23.06 41.28
C GLY A 405 -9.33 -22.32 41.32
N TYR A 406 -8.78 -22.02 40.15
CA TYR A 406 -7.50 -21.33 40.01
C TYR A 406 -7.71 -20.07 39.18
N GLU A 407 -7.32 -18.93 39.73
CA GLU A 407 -7.51 -17.65 39.08
C GLU A 407 -6.17 -16.96 38.88
N ALA A 408 -5.97 -16.44 37.68
CA ALA A 408 -4.73 -15.76 37.31
C ALA A 408 -5.02 -14.87 36.12
N ASN A 409 -4.06 -14.00 35.81
CA ASN A 409 -4.19 -13.11 34.66
C ASN A 409 -4.41 -13.91 33.40
N ALA A 410 -5.32 -13.42 32.54
CA ALA A 410 -5.65 -14.15 31.32
C ALA A 410 -4.45 -14.30 30.41
N ASP A 411 -3.63 -13.25 30.30
CA ASP A 411 -2.42 -13.36 29.49
C ASP A 411 -1.43 -14.34 30.10
N TYR A 412 -1.29 -14.32 31.43
CA TYR A 412 -0.38 -15.26 32.09
C TYR A 412 -0.85 -16.70 31.93
N ASN A 413 -2.16 -16.93 32.03
CA ASN A 413 -2.68 -18.28 31.89
C ASN A 413 -2.43 -18.82 30.49
N ALA A 414 -2.61 -17.97 29.48
CA ALA A 414 -2.31 -18.40 28.11
C ALA A 414 -0.83 -18.67 27.91
N ALA A 415 0.03 -17.88 28.56
CA ALA A 415 1.46 -18.05 28.41
C ALA A 415 1.93 -19.39 28.96
N ARG A 416 1.35 -19.84 30.07
CA ARG A 416 1.72 -21.14 30.63
C ARG A 416 1.36 -22.27 29.68
N ASN A 417 0.20 -22.18 29.03
CA ASN A 417 -0.22 -23.25 28.12
C ASN A 417 0.73 -23.38 26.94
N ILE A 418 1.17 -22.25 26.39
CA ILE A 418 2.15 -22.27 25.29
C ILE A 418 3.49 -22.81 25.74
N ALA A 419 3.78 -22.80 27.03
CA ALA A 419 5.06 -23.27 27.54
C ALA A 419 5.10 -24.78 27.77
N ILE A 420 4.01 -25.48 27.50
CA ILE A 420 3.98 -26.93 27.72
C ILE A 420 4.34 -27.63 26.41
N PRO A 421 5.27 -28.58 26.42
CA PRO A 421 5.64 -29.28 25.19
C PRO A 421 4.45 -30.03 24.60
N ASN A 422 4.35 -30.01 23.27
CA ASN A 422 3.28 -30.68 22.53
C ASN A 422 1.90 -30.26 23.02
N ILE A 423 1.72 -28.97 23.33
CA ILE A 423 0.47 -28.51 23.91
C ILE A 423 -0.67 -28.63 22.90
N ASP A 424 -0.40 -28.31 21.63
CA ASP A 424 -1.47 -28.36 20.62
C ASP A 424 -2.00 -29.77 20.46
N LYS A 425 -1.12 -30.77 20.48
CA LYS A 425 -1.57 -32.16 20.39
C LYS A 425 -2.43 -32.54 21.58
N ILE A 426 -2.09 -32.04 22.77
CA ILE A 426 -2.88 -32.30 23.97
C ILE A 426 -4.29 -31.78 23.75
N ILE A 427 -4.40 -30.57 23.20
CA ILE A 427 -5.71 -30.03 22.83
C ILE A 427 -6.30 -30.84 21.68
N ALA A 428 -5.46 -31.30 20.76
CA ALA A 428 -5.94 -32.07 19.62
C ALA A 428 -6.48 -33.43 20.06
N GLU A 429 -5.83 -34.08 21.03
CA GLU A 429 -6.30 -35.37 21.50
C GLU A 429 -7.68 -35.26 22.16
N SER A 430 -7.88 -34.23 22.96
CA SER A 430 -9.16 -33.96 23.62
C SER A 430 -9.57 -32.55 23.22
N ILE A 431 -10.35 -32.44 22.15
CA ILE A 431 -10.74 -31.15 21.58
C ILE A 431 -11.48 -30.34 22.62
N LYS A 432 -12.42 -30.98 23.32
CA LYS A 432 -13.16 -30.31 24.39
C LYS A 432 -13.45 -31.29 25.52
N MET E 11 -17.63 10.52 -18.76
CA MET E 11 -18.11 9.72 -19.89
C MET E 11 -18.29 8.26 -19.50
N ILE E 12 -17.17 7.53 -19.45
CA ILE E 12 -17.20 6.10 -19.19
C ILE E 12 -16.91 5.85 -17.71
N LYS E 13 -17.82 5.13 -17.05
CA LYS E 13 -17.66 4.73 -15.66
C LYS E 13 -17.95 3.24 -15.55
N VAL E 14 -17.54 2.64 -14.42
CA VAL E 14 -17.67 1.20 -14.22
C VAL E 14 -18.44 0.95 -12.92
N TYR E 15 -19.14 -0.18 -12.88
CA TYR E 15 -19.91 -0.58 -11.72
C TYR E 15 -20.14 -2.09 -11.77
N ARG E 16 -19.88 -2.77 -10.67
CA ARG E 16 -19.99 -4.21 -10.62
C ARG E 16 -21.44 -4.66 -10.49
N TYR E 17 -21.67 -5.92 -10.83
CA TYR E 17 -22.98 -6.56 -10.65
C TYR E 17 -22.72 -8.03 -10.41
N GLU E 18 -22.99 -8.49 -9.19
CA GLU E 18 -22.70 -9.87 -8.82
C GLU E 18 -23.60 -10.82 -9.59
N ILE E 19 -23.02 -11.90 -10.11
CA ILE E 19 -23.77 -12.91 -10.86
C ILE E 19 -24.39 -13.89 -9.87
N VAL E 20 -25.70 -14.09 -9.97
CA VAL E 20 -26.40 -14.98 -9.05
C VAL E 20 -26.19 -16.43 -9.43
N LYS E 21 -26.69 -16.82 -10.61
CA LYS E 21 -26.63 -18.19 -11.06
C LYS E 21 -26.90 -18.27 -12.56
N PRO E 22 -26.36 -19.27 -13.26
CA PRO E 22 -26.67 -19.42 -14.69
C PRO E 22 -28.10 -19.88 -14.88
N LEU E 23 -28.79 -19.29 -15.86
CA LEU E 23 -30.20 -19.59 -16.06
C LEU E 23 -30.40 -20.97 -16.66
N ASP E 24 -29.56 -21.35 -17.62
CA ASP E 24 -29.77 -22.57 -18.40
C ASP E 24 -28.98 -23.76 -17.87
N LEU E 25 -27.74 -23.57 -17.46
CA LEU E 25 -26.87 -24.67 -17.05
C LEU E 25 -26.48 -24.52 -15.59
N ASP E 26 -25.92 -25.60 -15.04
CA ASP E 26 -25.59 -25.63 -13.63
C ASP E 26 -24.32 -24.83 -13.36
N TRP E 27 -24.12 -24.48 -12.09
CA TRP E 27 -22.94 -23.72 -11.71
C TRP E 27 -21.66 -24.50 -11.94
N LYS E 28 -21.71 -25.83 -11.78
CA LYS E 28 -20.53 -26.65 -12.01
C LYS E 28 -20.12 -26.60 -13.47
N GLU E 29 -21.09 -26.65 -14.38
CA GLU E 29 -20.78 -26.55 -15.81
C GLU E 29 -20.29 -25.15 -16.17
N PHE E 30 -20.95 -24.12 -15.63
CA PHE E 30 -20.54 -22.75 -15.93
C PHE E 30 -19.15 -22.46 -15.42
N GLY E 31 -18.82 -22.94 -14.22
CA GLY E 31 -17.49 -22.70 -13.67
C GLY E 31 -16.40 -23.35 -14.51
N THR E 32 -16.66 -24.58 -14.97
CA THR E 32 -15.68 -25.26 -15.82
C THR E 32 -15.50 -24.53 -17.15
N ILE E 33 -16.60 -24.04 -17.73
CA ILE E 33 -16.51 -23.35 -19.01
C ILE E 33 -15.71 -22.05 -18.87
N LEU E 34 -15.98 -21.29 -17.80
CA LEU E 34 -15.31 -20.01 -17.63
C LEU E 34 -13.81 -20.19 -17.38
N ARG E 35 -13.43 -21.24 -16.65
CA ARG E 35 -12.02 -21.47 -16.40
C ARG E 35 -11.27 -21.79 -17.69
N GLN E 36 -11.92 -22.49 -18.61
CA GLN E 36 -11.30 -22.74 -19.91
C GLN E 36 -11.06 -21.43 -20.66
N LEU E 37 -12.03 -20.53 -20.61
CA LEU E 37 -11.87 -19.23 -21.26
C LEU E 37 -10.82 -18.38 -20.58
N GLN E 38 -10.70 -18.50 -19.25
CA GLN E 38 -9.68 -17.76 -18.53
C GLN E 38 -8.29 -18.21 -18.91
N GLN E 39 -8.10 -19.52 -19.14
CA GLN E 39 -6.80 -20.02 -19.54
C GLN E 39 -6.40 -19.49 -20.91
N GLU E 40 -7.36 -19.39 -21.83
CA GLU E 40 -7.06 -18.84 -23.15
C GLU E 40 -6.77 -17.35 -23.07
N THR E 41 -7.33 -16.65 -22.07
CA THR E 41 -7.06 -15.23 -21.93
C THR E 41 -5.60 -14.96 -21.59
N ARG E 42 -5.02 -15.72 -20.66
CA ARG E 42 -3.62 -15.54 -20.33
C ARG E 42 -2.72 -15.89 -21.50
N PHE E 43 -3.03 -16.99 -22.19
CA PHE E 43 -2.22 -17.39 -23.33
C PHE E 43 -2.24 -16.32 -24.41
N ALA E 44 -3.41 -15.72 -24.65
CA ALA E 44 -3.50 -14.63 -25.61
C ALA E 44 -2.70 -13.42 -25.14
N LEU E 45 -2.82 -13.09 -23.84
CA LEU E 45 -2.12 -11.92 -23.32
C LEU E 45 -0.60 -12.12 -23.34
N ASN E 46 -0.13 -13.24 -22.80
CA ASN E 46 1.31 -13.47 -22.70
C ASN E 46 1.93 -13.62 -24.09
N LYS E 47 1.26 -14.33 -25.00
CA LYS E 47 1.81 -14.52 -26.33
C LYS E 47 1.83 -13.21 -27.11
N ALA E 48 0.85 -12.34 -26.88
CA ALA E 48 0.83 -11.05 -27.56
C ALA E 48 2.01 -10.18 -27.15
N THR E 49 2.46 -10.31 -25.90
CA THR E 49 3.63 -9.56 -25.45
C THR E 49 4.89 -10.07 -26.14
N GLN E 50 5.02 -11.39 -26.31
CA GLN E 50 6.17 -11.93 -27.05
C GLN E 50 6.15 -11.49 -28.50
N LEU E 51 4.98 -11.53 -29.14
CA LEU E 51 4.88 -11.16 -30.55
C LEU E 51 5.15 -9.68 -30.74
N ALA E 52 4.66 -8.84 -29.81
CA ALA E 52 4.94 -7.42 -29.89
C ALA E 52 6.42 -7.14 -29.65
N TRP E 53 7.06 -7.96 -28.81
CA TRP E 53 8.49 -7.79 -28.55
C TRP E 53 9.30 -8.01 -29.82
N GLU E 54 8.97 -9.03 -30.60
CA GLU E 54 9.69 -9.28 -31.84
C GLU E 54 9.31 -8.26 -32.91
N TRP E 55 8.04 -7.84 -32.94
CA TRP E 55 7.61 -6.90 -33.96
C TRP E 55 8.31 -5.56 -33.81
N MET E 56 8.52 -5.11 -32.57
CA MET E 56 9.17 -3.83 -32.33
C MET E 56 10.69 -3.91 -32.45
N GLY E 57 11.25 -5.07 -32.74
CA GLY E 57 12.68 -5.20 -32.92
C GLY E 57 13.48 -5.34 -31.66
N PHE E 58 12.83 -5.62 -30.53
CA PHE E 58 13.54 -5.82 -29.27
C PHE E 58 14.25 -7.16 -29.20
N SER E 59 14.01 -8.05 -30.16
CA SER E 59 14.57 -9.40 -30.09
C SER E 59 16.09 -9.35 -30.22
N SER E 60 16.75 -10.33 -29.59
CA SER E 60 18.20 -10.41 -29.63
C SER E 60 18.66 -11.16 -30.88
N ASP E 61 19.97 -11.36 -30.96
CA ASP E 61 20.56 -11.95 -32.16
C ASP E 61 20.20 -13.42 -32.31
N TYR E 62 20.27 -14.18 -31.22
CA TYR E 62 20.09 -15.62 -31.31
C TYR E 62 18.67 -16.00 -31.70
N LYS E 63 17.71 -15.11 -31.49
CA LYS E 63 16.33 -15.41 -31.87
C LYS E 63 16.19 -15.61 -33.37
N ASP E 64 16.83 -14.76 -34.16
CA ASP E 64 16.73 -14.80 -35.60
C ASP E 64 17.93 -15.44 -36.28
N ASN E 65 18.90 -15.92 -35.52
CA ASN E 65 20.10 -16.51 -36.11
C ASN E 65 20.18 -18.00 -35.81
N HIS E 66 20.17 -18.36 -34.53
CA HIS E 66 20.27 -19.77 -34.14
C HIS E 66 18.89 -20.39 -34.10
N GLY E 67 18.78 -21.58 -34.70
CA GLY E 67 17.51 -22.28 -34.72
C GLY E 67 16.43 -21.49 -35.43
N GLU E 68 15.54 -20.89 -34.66
CA GLU E 68 14.46 -20.06 -35.22
C GLU E 68 15.01 -18.83 -35.92
N ILE E 75 7.19 -7.84 -44.58
CA ILE E 75 8.11 -8.75 -43.90
C ILE E 75 7.37 -9.99 -43.43
N LEU E 76 6.58 -9.84 -42.35
CA LEU E 76 5.82 -10.96 -41.82
C LEU E 76 4.51 -11.17 -42.56
N GLY E 77 4.10 -10.21 -43.40
CA GLY E 77 2.89 -10.33 -44.19
C GLY E 77 1.70 -9.55 -43.67
N TYR E 78 1.77 -9.03 -42.45
CA TYR E 78 0.68 -8.26 -41.86
C TYR E 78 1.08 -6.79 -41.75
N THR E 79 0.16 -5.98 -41.21
CA THR E 79 0.35 -4.55 -41.11
C THR E 79 0.52 -4.05 -39.68
N ASN E 80 -0.31 -4.51 -38.76
CA ASN E 80 -0.26 -4.06 -37.37
C ASN E 80 0.20 -5.21 -36.47
N VAL E 81 0.62 -4.83 -35.26
CA VAL E 81 0.95 -5.85 -34.26
C VAL E 81 -0.28 -6.65 -33.90
N HIS E 82 -1.44 -5.99 -33.79
CA HIS E 82 -2.66 -6.67 -33.44
C HIS E 82 -3.06 -7.70 -34.49
N GLY E 83 -2.93 -7.33 -35.77
CA GLY E 83 -3.28 -8.26 -36.83
C GLY E 83 -2.39 -9.48 -36.85
N TYR E 84 -1.08 -9.28 -36.67
CA TYR E 84 -0.14 -10.40 -36.63
C TYR E 84 -0.42 -11.30 -35.44
N ALA E 85 -0.68 -10.69 -34.28
CA ALA E 85 -0.89 -11.48 -33.06
C ALA E 85 -2.21 -12.23 -33.11
N TYR E 86 -3.24 -11.61 -33.70
CA TYR E 86 -4.57 -12.19 -33.69
C TYR E 86 -4.59 -13.56 -34.37
N HIS E 87 -4.04 -13.64 -35.58
CA HIS E 87 -4.11 -14.88 -36.34
C HIS E 87 -3.27 -15.97 -35.72
N THR E 88 -2.09 -15.62 -35.22
CA THR E 88 -1.21 -16.60 -34.58
C THR E 88 -1.86 -17.19 -33.33
N ILE E 89 -2.48 -16.33 -32.52
CA ILE E 89 -3.08 -16.79 -31.26
C ILE E 89 -4.40 -17.49 -31.52
N LYS E 90 -5.10 -17.11 -32.60
CA LYS E 90 -6.44 -17.63 -32.83
C LYS E 90 -6.44 -19.14 -32.99
N THR E 91 -5.39 -19.71 -33.58
CA THR E 91 -5.35 -21.14 -33.83
C THR E 91 -5.39 -21.96 -32.54
N LYS E 92 -4.88 -21.43 -31.45
CA LYS E 92 -4.85 -22.15 -30.18
C LYS E 92 -5.96 -21.74 -29.22
N ALA E 93 -6.26 -20.44 -29.14
CA ALA E 93 -7.37 -19.95 -28.31
C ALA E 93 -8.62 -19.91 -29.18
N TYR E 94 -9.09 -21.11 -29.54
CA TYR E 94 -10.24 -21.23 -30.42
C TYR E 94 -11.57 -21.27 -29.67
N ARG E 95 -11.55 -21.30 -28.34
CA ARG E 95 -12.78 -21.30 -27.56
C ARG E 95 -13.30 -19.88 -27.32
N LEU E 96 -12.41 -18.90 -27.28
CA LEU E 96 -12.82 -17.52 -27.07
C LEU E 96 -13.57 -17.00 -28.29
N ASN E 97 -14.52 -16.10 -28.04
CA ASN E 97 -15.21 -15.43 -29.13
C ASN E 97 -14.22 -14.60 -29.94
N SER E 98 -14.48 -14.48 -31.24
CA SER E 98 -13.58 -13.74 -32.10
C SER E 98 -13.54 -12.27 -31.70
N GLY E 99 -14.69 -11.69 -31.36
CA GLY E 99 -14.71 -10.30 -30.94
C GLY E 99 -13.99 -10.07 -29.62
N ASN E 100 -14.20 -10.95 -28.65
CA ASN E 100 -13.54 -10.80 -27.36
C ASN E 100 -12.05 -11.06 -27.47
N LEU E 101 -11.65 -11.99 -28.35
CA LEU E 101 -10.23 -12.31 -28.50
C LEU E 101 -9.46 -11.10 -29.01
N SER E 102 -10.06 -10.33 -29.91
CA SER E 102 -9.41 -9.11 -30.41
C SER E 102 -9.21 -8.11 -29.28
N GLN E 103 -10.21 -7.96 -28.41
CA GLN E 103 -10.09 -7.04 -27.30
C GLN E 103 -8.98 -7.45 -26.33
N THR E 104 -8.88 -8.76 -26.07
CA THR E 104 -7.83 -9.24 -25.18
C THR E 104 -6.45 -8.96 -25.75
N ILE E 105 -6.27 -9.19 -27.05
CA ILE E 105 -4.99 -8.95 -27.69
C ILE E 105 -4.69 -7.46 -27.76
N LYS E 106 -5.72 -6.64 -27.99
CA LYS E 106 -5.52 -5.20 -28.09
C LYS E 106 -5.00 -4.62 -26.77
N ARG E 107 -5.58 -5.05 -25.65
CA ARG E 107 -5.15 -4.52 -24.36
C ARG E 107 -3.73 -4.98 -24.03
N ALA E 108 -3.29 -6.10 -24.59
CA ALA E 108 -1.91 -6.52 -24.39
C ALA E 108 -0.95 -5.65 -25.20
N THR E 109 -1.29 -5.38 -26.46
CA THR E 109 -0.40 -4.59 -27.30
C THR E 109 -0.39 -3.12 -26.92
N ASP E 110 -1.52 -2.60 -26.44
CA ASP E 110 -1.58 -1.20 -26.03
C ASP E 110 -0.68 -0.92 -24.84
N ARG E 111 -0.64 -1.84 -23.87
CA ARG E 111 0.25 -1.67 -22.72
C ARG E 111 1.71 -1.70 -23.17
N PHE E 112 2.05 -2.61 -24.07
CA PHE E 112 3.43 -2.72 -24.54
C PHE E 112 3.84 -1.46 -25.28
N LYS E 113 2.96 -0.91 -26.11
CA LYS E 113 3.26 0.33 -26.81
C LYS E 113 3.42 1.49 -25.83
N ALA E 114 2.57 1.55 -24.81
CA ALA E 114 2.69 2.61 -23.82
C ALA E 114 3.98 2.48 -23.03
N TYR E 115 4.45 1.26 -22.80
CA TYR E 115 5.68 1.00 -22.07
C TYR E 115 6.87 0.72 -22.96
N GLN E 116 6.75 0.97 -24.27
CA GLN E 116 7.80 0.56 -25.21
C GLN E 116 9.11 1.30 -24.95
N LYS E 117 9.03 2.61 -24.68
CA LYS E 117 10.24 3.39 -24.47
C LYS E 117 10.84 3.15 -23.09
N GLU E 118 10.00 2.81 -22.09
CA GLU E 118 10.54 2.48 -20.77
C GLU E 118 11.38 1.21 -20.80
N ILE E 119 10.92 0.17 -21.49
CA ILE E 119 11.66 -1.09 -21.47
C ILE E 119 12.96 -0.97 -22.25
N LEU E 120 12.96 -0.19 -23.34
CA LEU E 120 14.19 0.02 -24.09
C LEU E 120 15.21 0.79 -23.28
N ARG E 121 14.76 1.78 -22.50
CA ARG E 121 15.69 2.53 -21.66
C ARG E 121 16.15 1.71 -20.46
N GLY E 122 15.30 0.83 -19.96
CA GLY E 122 15.63 0.00 -18.83
C GLY E 122 14.93 0.36 -17.54
N ASP E 123 13.75 0.96 -17.60
CA ASP E 123 12.99 1.32 -16.41
C ASP E 123 11.89 0.33 -16.08
N MET E 124 11.52 -0.54 -17.02
CA MET E 124 10.52 -1.56 -16.81
C MET E 124 10.98 -2.85 -17.47
N SER E 125 10.71 -3.98 -16.83
CA SER E 125 11.22 -5.24 -17.36
C SER E 125 10.34 -5.78 -18.47
N ILE E 126 9.12 -6.21 -18.14
CA ILE E 126 8.20 -6.85 -19.07
C ILE E 126 6.82 -6.86 -18.44
N PRO E 127 5.77 -6.48 -19.17
CA PRO E 127 4.42 -6.57 -18.62
C PRO E 127 4.05 -8.01 -18.31
N SER E 128 3.36 -8.22 -17.19
CA SER E 128 2.95 -9.54 -16.75
C SER E 128 1.45 -9.54 -16.49
N TYR E 129 0.85 -10.72 -16.58
CA TYR E 129 -0.58 -10.87 -16.39
C TYR E 129 -0.86 -12.05 -15.49
N LYS E 130 -1.73 -11.83 -14.50
CA LYS E 130 -1.92 -12.78 -13.40
C LYS E 130 -2.74 -13.98 -13.87
N ARG E 131 -2.99 -14.91 -12.95
CA ARG E 131 -3.71 -16.14 -13.28
C ARG E 131 -5.20 -15.88 -13.48
N ASP E 132 -5.88 -15.37 -12.46
CA ASP E 132 -7.32 -15.15 -12.52
C ASP E 132 -7.60 -13.83 -13.22
N HIS E 133 -7.18 -13.76 -14.48
CA HIS E 133 -7.33 -12.54 -15.25
C HIS E 133 -8.78 -12.38 -15.70
N PRO E 134 -9.34 -11.17 -15.62
CA PRO E 134 -10.72 -10.96 -16.07
C PRO E 134 -10.94 -11.27 -17.53
N LEU E 135 -12.11 -11.77 -17.88
CA LEU E 135 -12.48 -12.04 -19.26
C LEU E 135 -13.01 -10.76 -19.89
N ASP E 136 -12.56 -10.47 -21.11
CA ASP E 136 -12.96 -9.26 -21.80
C ASP E 136 -14.22 -9.51 -22.62
N LEU E 137 -15.16 -8.57 -22.53
CA LEU E 137 -16.43 -8.63 -23.26
C LEU E 137 -16.63 -7.30 -23.98
N ILE E 138 -16.64 -7.34 -25.31
CA ILE E 138 -16.91 -6.12 -26.07
C ILE E 138 -18.42 -5.84 -26.08
N LYS E 139 -18.76 -4.63 -26.49
CA LYS E 139 -20.15 -4.33 -26.80
C LYS E 139 -20.61 -5.20 -27.98
N GLU E 140 -21.91 -5.45 -28.04
CA GLU E 140 -22.61 -6.39 -28.92
C GLU E 140 -22.50 -7.82 -28.41
N ASN E 141 -21.80 -8.07 -27.31
CA ASN E 141 -21.74 -9.40 -26.72
C ASN E 141 -22.34 -9.45 -25.32
N ILE E 142 -22.83 -8.33 -24.81
CA ILE E 142 -23.45 -8.30 -23.49
C ILE E 142 -24.72 -7.44 -23.55
N SER E 143 -25.87 -8.09 -23.43
CA SER E 143 -27.15 -7.41 -23.41
C SER E 143 -27.86 -7.69 -22.10
N VAL E 144 -28.63 -6.71 -21.64
CA VAL E 144 -29.35 -6.81 -20.37
C VAL E 144 -30.83 -6.54 -20.63
N ASN E 145 -31.69 -7.37 -20.04
CA ASN E 145 -33.13 -7.25 -20.16
C ASN E 145 -33.77 -7.47 -18.81
N ARG E 146 -34.89 -6.79 -18.58
CA ARG E 146 -35.65 -6.91 -17.34
C ARG E 146 -36.97 -7.60 -17.66
N MET E 147 -37.23 -8.72 -16.99
CA MET E 147 -38.43 -9.48 -17.25
C MET E 147 -39.64 -8.83 -16.59
N ASN E 148 -40.82 -9.39 -16.87
CA ASN E 148 -42.05 -8.85 -16.31
C ASN E 148 -42.11 -9.04 -14.79
N HIS E 149 -41.42 -10.04 -14.27
CA HIS E 149 -41.44 -10.35 -12.84
C HIS E 149 -40.28 -9.71 -12.08
N GLY E 150 -39.56 -8.78 -12.69
CA GLY E 150 -38.56 -8.00 -12.00
C GLY E 150 -37.17 -8.61 -11.89
N ASP E 151 -36.91 -9.71 -12.57
CA ASP E 151 -35.59 -10.34 -12.57
C ASP E 151 -34.78 -9.81 -13.75
N TYR E 152 -33.55 -9.40 -13.47
CA TYR E 152 -32.66 -8.83 -14.48
C TYR E 152 -31.80 -9.94 -15.07
N ILE E 153 -31.85 -10.09 -16.39
CA ILE E 153 -31.12 -11.13 -17.10
C ILE E 153 -30.09 -10.47 -18.02
N ALA E 154 -28.84 -10.91 -17.91
CA ALA E 154 -27.76 -10.42 -18.75
C ALA E 154 -27.26 -11.57 -19.63
N SER E 155 -27.42 -11.41 -20.94
CA SER E 155 -27.01 -12.44 -21.89
C SER E 155 -25.59 -12.16 -22.35
N LEU E 156 -24.71 -13.14 -22.17
CA LEU E 156 -23.29 -12.99 -22.48
C LEU E 156 -22.91 -13.94 -23.60
N SER E 157 -22.28 -13.40 -24.64
CA SER E 157 -21.73 -14.20 -25.73
C SER E 157 -20.24 -14.38 -25.49
N LEU E 158 -19.84 -15.61 -25.14
CA LEU E 158 -18.46 -15.87 -24.76
C LEU E 158 -17.77 -16.96 -25.57
N LEU E 159 -18.51 -17.88 -26.17
CA LEU E 159 -17.92 -19.01 -26.86
C LEU E 159 -18.05 -18.86 -28.37
N SER E 160 -16.99 -19.25 -29.07
CA SER E 160 -17.00 -19.26 -30.53
C SER E 160 -17.79 -20.46 -31.03
N ASN E 161 -18.12 -20.44 -32.32
CA ASN E 161 -18.92 -21.50 -32.92
C ASN E 161 -18.33 -22.89 -32.70
N PRO E 162 -17.01 -23.12 -32.88
CA PRO E 162 -16.47 -24.44 -32.49
C PRO E 162 -16.68 -24.77 -31.02
N ALA E 163 -16.53 -23.79 -30.13
CA ALA E 163 -16.69 -24.05 -28.71
C ALA E 163 -18.15 -24.31 -28.34
N LYS E 164 -19.07 -23.61 -28.99
CA LYS E 164 -20.49 -23.80 -28.70
C LYS E 164 -20.94 -25.21 -29.04
N GLN E 165 -20.45 -25.74 -30.17
CA GLN E 165 -20.85 -27.09 -30.58
C GLN E 165 -20.37 -28.14 -29.60
N GLU E 166 -19.12 -28.01 -29.15
CA GLU E 166 -18.53 -29.05 -28.28
C GLU E 166 -19.17 -29.06 -26.90
N MET E 167 -19.43 -27.88 -26.35
CA MET E 167 -19.94 -27.78 -24.98
C MET E 167 -21.45 -27.82 -24.89
N ASN E 168 -22.14 -28.08 -26.01
CA ASN E 168 -23.59 -28.20 -26.04
C ASN E 168 -24.30 -26.94 -25.55
N VAL E 169 -23.76 -25.77 -25.90
CA VAL E 169 -24.42 -24.50 -25.65
C VAL E 169 -24.89 -23.95 -26.99
N LYS E 170 -26.20 -23.88 -27.18
CA LYS E 170 -26.77 -23.58 -28.49
C LYS E 170 -27.24 -22.13 -28.62
N ARG E 171 -26.97 -21.28 -27.64
CA ARG E 171 -27.37 -19.88 -27.71
C ARG E 171 -26.50 -19.08 -26.76
N LYS E 172 -26.86 -17.81 -26.59
CA LYS E 172 -26.14 -16.95 -25.66
C LYS E 172 -26.31 -17.44 -24.23
N ILE E 173 -25.24 -17.35 -23.45
CA ILE E 173 -25.28 -17.75 -22.05
C ILE E 173 -25.94 -16.62 -21.24
N SER E 174 -26.98 -16.95 -20.49
CA SER E 174 -27.71 -15.98 -19.70
C SER E 174 -27.45 -16.19 -18.22
N VAL E 175 -27.27 -15.08 -17.50
CA VAL E 175 -27.04 -15.10 -16.07
C VAL E 175 -27.89 -14.02 -15.43
N ILE E 176 -28.20 -14.20 -14.15
CA ILE E 176 -29.00 -13.26 -13.38
C ILE E 176 -28.07 -12.45 -12.50
N ILE E 177 -28.25 -11.13 -12.49
CA ILE E 177 -27.41 -10.24 -11.71
C ILE E 177 -28.26 -9.47 -10.72
N ILE E 178 -27.64 -9.05 -9.63
CA ILE E 178 -28.32 -8.27 -8.60
C ILE E 178 -28.21 -6.79 -8.96
N VAL E 179 -29.26 -6.04 -8.72
CA VAL E 179 -29.30 -4.61 -8.97
C VAL E 179 -30.04 -3.97 -7.79
N ARG E 180 -29.28 -3.40 -6.86
CA ARG E 180 -29.83 -2.83 -5.64
C ARG E 180 -29.45 -1.36 -5.54
N GLY E 181 -30.45 -0.51 -5.34
CA GLY E 181 -30.18 0.90 -5.08
C GLY E 181 -29.54 1.58 -6.28
N ALA E 182 -28.32 2.08 -6.08
CA ALA E 182 -27.59 2.75 -7.15
C ALA E 182 -27.42 1.86 -8.37
N GLY E 183 -27.30 0.55 -8.15
CA GLY E 183 -27.18 -0.37 -9.28
C GLY E 183 -28.42 -0.35 -10.17
N LYS E 184 -29.60 -0.29 -9.55
CA LYS E 184 -30.83 -0.27 -10.33
C LYS E 184 -30.98 1.04 -11.09
N THR E 185 -30.54 2.15 -10.50
CA THR E 185 -30.66 3.44 -11.16
C THR E 185 -29.87 3.47 -12.46
N ILE E 186 -28.62 3.01 -12.43
CA ILE E 186 -27.82 2.95 -13.64
C ILE E 186 -28.38 1.94 -14.62
N MET E 187 -28.78 0.76 -14.13
CA MET E 187 -29.28 -0.28 -15.02
C MET E 187 -30.58 0.12 -15.69
N ASP E 188 -31.47 0.81 -14.97
CA ASP E 188 -32.72 1.26 -15.57
C ASP E 188 -32.48 2.26 -16.69
N ARG E 189 -31.53 3.17 -16.50
CA ARG E 189 -31.20 4.11 -17.58
C ARG E 189 -30.52 3.40 -18.74
N ILE E 190 -29.76 2.34 -18.45
CA ILE E 190 -29.19 1.53 -19.53
C ILE E 190 -30.31 0.92 -20.37
N LEU E 191 -31.33 0.38 -19.71
CA LEU E 191 -32.48 -0.15 -20.44
C LEU E 191 -33.26 0.95 -21.14
N SER E 192 -33.37 2.12 -20.50
CA SER E 192 -34.11 3.22 -21.11
C SER E 192 -33.42 3.73 -22.37
N GLY E 193 -32.13 4.00 -22.29
CA GLY E 193 -31.39 4.48 -23.44
C GLY E 193 -30.49 5.65 -23.14
N GLU E 194 -30.62 6.23 -21.95
CA GLU E 194 -29.76 7.35 -21.57
C GLU E 194 -28.30 6.92 -21.51
N TYR E 195 -28.04 5.76 -20.93
CA TYR E 195 -26.70 5.21 -20.82
C TYR E 195 -26.53 4.05 -21.78
N GLN E 196 -25.39 4.01 -22.46
CA GLN E 196 -25.10 2.99 -23.46
C GLN E 196 -23.88 2.18 -23.03
N VAL E 197 -24.01 0.86 -23.11
CA VAL E 197 -22.91 -0.01 -22.72
C VAL E 197 -21.77 0.12 -23.72
N SER E 198 -20.55 0.21 -23.20
CA SER E 198 -19.35 0.36 -24.04
C SER E 198 -18.49 -0.89 -24.01
N ALA E 199 -18.13 -1.37 -22.83
CA ALA E 199 -17.37 -2.61 -22.69
C ALA E 199 -17.71 -3.20 -21.32
N SER E 200 -17.19 -4.38 -21.06
CA SER E 200 -17.48 -5.08 -19.82
C SER E 200 -16.40 -6.12 -19.57
N GLN E 201 -16.38 -6.65 -18.35
CA GLN E 201 -15.40 -7.64 -17.96
C GLN E 201 -16.01 -8.55 -16.90
N ILE E 202 -15.65 -9.83 -16.93
CA ILE E 202 -16.14 -10.81 -15.97
C ILE E 202 -15.00 -11.09 -14.99
N ILE E 203 -15.05 -10.42 -13.84
CA ILE E 203 -14.00 -10.56 -12.84
C ILE E 203 -14.42 -11.62 -11.83
N HIS E 204 -13.43 -12.34 -11.28
CA HIS E 204 -13.65 -13.38 -10.29
C HIS E 204 -12.83 -13.08 -9.06
N LYS E 205 -13.48 -13.16 -7.90
CA LYS E 205 -12.85 -12.87 -6.61
C LYS E 205 -12.79 -14.15 -5.78
N ASP E 206 -11.61 -14.44 -5.23
CA ASP E 206 -11.46 -15.65 -4.43
C ASP E 206 -11.89 -15.44 -2.98
N ARG E 207 -12.12 -14.20 -2.57
CA ARG E 207 -12.54 -13.93 -1.19
C ARG E 207 -13.87 -14.59 -0.88
N LYS E 208 -14.84 -14.43 -1.78
CA LYS E 208 -16.19 -14.95 -1.57
C LYS E 208 -16.55 -16.02 -2.59
N ASN E 209 -15.63 -16.41 -3.46
CA ASN E 209 -15.89 -17.39 -4.52
C ASN E 209 -17.11 -16.97 -5.35
N LYS E 210 -17.14 -15.70 -5.72
CA LYS E 210 -18.25 -15.13 -6.47
C LYS E 210 -17.75 -14.48 -7.75
N TRP E 211 -18.57 -14.56 -8.79
CA TRP E 211 -18.27 -13.98 -10.09
C TRP E 211 -18.96 -12.63 -10.20
N TYR E 212 -18.22 -11.63 -10.71
CA TYR E 212 -18.73 -10.28 -10.87
C TYR E 212 -18.63 -9.85 -12.32
N LEU E 213 -19.66 -9.16 -12.79
CA LEU E 213 -19.74 -8.63 -14.15
C LEU E 213 -19.92 -7.13 -14.06
N ASN E 214 -18.87 -6.37 -14.38
CA ASN E 214 -18.92 -4.92 -14.30
C ASN E 214 -19.15 -4.34 -15.70
N ILE E 215 -20.03 -3.35 -15.78
CA ILE E 215 -20.44 -2.77 -17.05
C ILE E 215 -19.90 -1.35 -17.14
N SER E 216 -19.19 -1.06 -18.22
CA SER E 216 -18.70 0.29 -18.49
C SER E 216 -19.69 0.99 -19.39
N TYR E 217 -20.26 2.10 -18.91
CA TYR E 217 -21.33 2.81 -19.60
C TYR E 217 -20.87 4.22 -19.95
N ARG E 218 -21.27 4.70 -21.12
CA ARG E 218 -20.97 6.05 -21.57
C ARG E 218 -22.23 6.89 -21.54
N PHE E 219 -22.13 8.08 -20.94
CA PHE E 219 -23.24 8.99 -20.80
C PHE E 219 -22.75 10.42 -20.99
N GLU E 220 -23.67 11.29 -21.41
CA GLU E 220 -23.36 12.70 -21.57
C GLU E 220 -23.65 13.41 -20.25
N PRO E 221 -22.65 13.95 -19.57
CA PRO E 221 -22.89 14.58 -18.27
C PRO E 221 -23.77 15.82 -18.40
N GLN E 222 -24.59 16.04 -17.39
CA GLN E 222 -25.44 17.22 -17.33
C GLN E 222 -24.82 18.26 -16.40
N THR E 223 -24.68 19.48 -16.90
CA THR E 223 -24.08 20.57 -16.14
C THR E 223 -25.14 21.19 -15.25
N ARG E 224 -24.88 21.22 -13.94
CA ARG E 224 -25.83 21.81 -13.01
C ARG E 224 -26.00 23.30 -13.29
N VAL E 225 -27.25 23.75 -13.22
CA VAL E 225 -27.60 25.14 -13.47
C VAL E 225 -28.01 25.78 -12.16
N LEU E 226 -27.45 26.95 -11.88
CA LEU E 226 -27.70 27.64 -10.62
C LEU E 226 -29.16 28.04 -10.53
N ASP E 227 -29.80 27.68 -9.41
CA ASP E 227 -31.21 27.98 -9.18
C ASP E 227 -31.36 28.66 -7.84
N LEU E 228 -32.23 29.68 -7.79
CA LEU E 228 -32.43 30.45 -6.57
C LEU E 228 -33.44 29.76 -5.66
N ASN E 229 -33.22 28.48 -5.38
CA ASN E 229 -34.05 27.73 -4.45
C ASN E 229 -33.28 26.87 -3.48
N LYS E 230 -32.00 26.62 -3.73
CA LYS E 230 -31.14 25.89 -2.81
C LYS E 230 -30.21 26.90 -2.13
N ILE E 231 -30.31 26.99 -0.81
CA ILE E 231 -29.56 28.00 -0.07
C ILE E 231 -28.60 27.32 0.91
N MET E 232 -27.31 27.39 0.61
CA MET E 232 -26.30 26.82 1.50
C MET E 232 -26.19 27.64 2.77
N GLY E 233 -26.03 26.96 3.89
CA GLY E 233 -25.88 27.61 5.18
C GLY E 233 -24.51 27.33 5.78
N ILE E 234 -23.91 28.37 6.35
CA ILE E 234 -22.58 28.28 6.94
C ILE E 234 -22.68 28.71 8.40
N ASP E 235 -22.14 27.89 9.29
CA ASP E 235 -22.11 28.21 10.71
C ASP E 235 -20.67 28.10 11.22
N LEU E 236 -20.17 29.19 11.79
CA LEU E 236 -18.82 29.20 12.39
C LEU E 236 -18.91 28.48 13.72
N GLY E 237 -18.86 27.15 13.65
CA GLY E 237 -19.16 26.34 14.82
C GLY E 237 -18.03 26.31 15.83
N VAL E 238 -18.34 25.74 17.00
CA VAL E 238 -17.37 25.59 18.06
C VAL E 238 -16.32 24.53 17.75
N ALA E 239 -16.72 23.42 17.12
CA ALA E 239 -15.83 22.29 16.91
C ALA E 239 -15.01 22.39 15.63
N VAL E 240 -15.43 23.20 14.66
CA VAL E 240 -14.71 23.35 13.40
C VAL E 240 -14.76 24.80 12.96
N ALA E 241 -13.92 25.13 11.98
CA ALA E 241 -13.89 26.51 11.46
C ALA E 241 -15.22 26.87 10.81
N ALA E 242 -15.78 25.95 10.04
CA ALA E 242 -17.07 26.20 9.39
C ALA E 242 -17.72 24.87 9.06
N TYR E 243 -19.06 24.89 9.00
CA TYR E 243 -19.86 23.75 8.61
C TYR E 243 -20.84 24.18 7.53
N MET E 244 -20.92 23.40 6.46
CA MET E 244 -21.75 23.73 5.31
C MET E 244 -22.87 22.70 5.19
N ALA E 245 -24.11 23.17 5.18
CA ALA E 245 -25.28 22.31 5.12
C ALA E 245 -26.30 22.88 4.15
N PHE E 246 -27.24 22.02 3.75
CA PHE E 246 -28.29 22.39 2.81
C PHE E 246 -29.55 21.60 3.15
N GLN E 247 -30.71 22.18 2.83
CA GLN E 247 -31.98 21.50 3.14
C GLN E 247 -32.42 20.60 1.99
N HIS E 248 -32.17 21.01 0.74
CA HIS E 248 -32.65 20.23 -0.40
C HIS E 248 -31.96 18.87 -0.47
N THR E 249 -30.67 18.83 -0.18
CA THR E 249 -29.88 17.60 -0.20
C THR E 249 -29.35 17.28 1.20
N PRO E 250 -29.15 16.01 1.50
CA PRO E 250 -28.60 15.62 2.81
C PRO E 250 -27.09 15.70 2.91
N ALA E 251 -26.39 16.11 1.85
CA ALA E 251 -24.94 16.16 1.89
C ALA E 251 -24.46 17.24 2.84
N ARG E 252 -23.20 17.12 3.25
CA ARG E 252 -22.61 18.07 4.18
C ARG E 252 -21.10 18.12 3.97
N TYR E 253 -20.52 19.31 4.16
CA TYR E 253 -19.09 19.52 4.04
C TYR E 253 -18.61 20.35 5.22
N LYS E 254 -17.36 20.13 5.62
CA LYS E 254 -16.82 20.76 6.82
C LYS E 254 -15.42 21.28 6.56
N LEU E 255 -15.09 22.39 7.20
CA LEU E 255 -13.76 22.99 7.15
C LEU E 255 -13.18 22.92 8.55
N GLU E 256 -12.36 21.90 8.81
CA GLU E 256 -11.75 21.72 10.12
C GLU E 256 -10.44 22.49 10.19
N GLY E 257 -10.32 23.35 11.20
CA GLY E 257 -9.13 24.18 11.34
C GLY E 257 -8.00 23.46 12.05
N GLY E 258 -7.62 22.30 11.53
CA GLY E 258 -6.51 21.56 12.10
C GLY E 258 -5.21 22.33 11.97
N GLU E 259 -5.00 22.96 10.81
CA GLU E 259 -3.79 23.74 10.60
C GLU E 259 -3.79 25.00 11.46
N ILE E 260 -4.97 25.51 11.82
CA ILE E 260 -5.05 26.72 12.63
C ILE E 260 -4.59 26.45 14.05
N GLU E 261 -4.97 25.31 14.61
CA GLU E 261 -4.53 24.98 15.96
C GLU E 261 -3.02 24.79 16.02
N ASN E 262 -2.44 24.14 15.00
CA ASN E 262 -0.99 23.98 14.97
C ASN E 262 -0.29 25.32 14.85
N PHE E 263 -0.83 26.24 14.04
CA PHE E 263 -0.20 27.54 13.87
C PHE E 263 -0.29 28.38 15.13
N ARG E 264 -1.40 28.27 15.87
CA ARG E 264 -1.53 29.02 17.12
C ARG E 264 -0.48 28.58 18.13
N ARG E 265 -0.23 27.26 18.22
CA ARG E 265 0.82 26.77 19.09
C ARG E 265 2.19 27.19 18.57
N GLN E 266 2.35 27.28 17.25
CA GLN E 266 3.59 27.77 16.68
C GLN E 266 3.85 29.23 17.07
N VAL E 267 2.82 30.05 17.03
CA VAL E 267 2.97 31.47 17.38
C VAL E 267 3.27 31.61 18.87
N GLU E 268 2.61 30.81 19.70
CA GLU E 268 2.84 30.89 21.14
C GLU E 268 4.29 30.55 21.48
N SER E 269 4.85 29.50 20.85
CA SER E 269 6.23 29.15 21.11
C SER E 269 7.19 30.23 20.62
N ARG E 270 6.91 30.82 19.45
CA ARG E 270 7.80 31.84 18.92
C ARG E 270 7.83 33.09 19.78
N ARG E 271 6.69 33.48 20.33
CA ARG E 271 6.65 34.66 21.21
C ARG E 271 7.49 34.43 22.47
N ILE E 272 7.38 33.25 23.06
CA ILE E 272 8.19 32.92 24.23
C ILE E 272 9.67 32.86 23.84
N SER E 273 9.95 32.24 22.70
CA SER E 273 11.34 32.11 22.25
C SER E 273 11.95 33.47 21.95
N MET E 274 11.17 34.36 21.34
CA MET E 274 11.69 35.67 20.96
C MET E 274 11.92 36.56 22.17
N LEU E 275 11.35 36.20 23.31
CA LEU E 275 11.49 36.99 24.53
C LEU E 275 12.92 36.96 25.05
N LYS E 295 11.27 44.69 16.15
CA LYS E 295 11.34 43.94 14.90
C LYS E 295 10.85 42.49 15.01
N PRO E 296 11.34 41.71 15.99
CA PRO E 296 10.86 40.31 16.09
C PRO E 296 9.36 40.21 16.30
N ILE E 297 8.77 41.13 17.08
CA ILE E 297 7.33 41.17 17.21
C ILE E 297 6.68 41.64 15.92
N GLU E 298 7.29 42.61 15.25
CA GLU E 298 6.73 43.13 14.01
C GLU E 298 6.70 42.06 12.92
N GLN E 299 7.80 41.30 12.79
CA GLN E 299 7.84 40.23 11.80
C GLN E 299 6.83 39.14 12.12
N LEU E 300 6.67 38.81 13.40
CA LEU E 300 5.68 37.82 13.79
C LEU E 300 4.27 38.31 13.47
N ARG E 301 4.00 39.60 13.71
CA ARG E 301 2.69 40.15 13.37
C ARG E 301 2.46 40.16 11.86
N ASP E 302 3.50 40.44 11.08
CA ASP E 302 3.37 40.38 9.63
C ASP E 302 3.12 38.95 9.17
N LYS E 303 3.80 37.98 9.78
CA LYS E 303 3.60 36.58 9.41
C LYS E 303 2.18 36.12 9.75
N ILE E 304 1.66 36.53 10.91
CA ILE E 304 0.34 36.08 11.32
C ILE E 304 -0.74 36.75 10.47
N ALA E 305 -0.45 37.92 9.92
CA ALA E 305 -1.41 38.58 9.05
C ALA E 305 -1.52 37.86 7.71
N ASN E 306 -0.38 37.42 7.16
CA ASN E 306 -0.39 36.71 5.89
C ASN E 306 -1.09 35.36 6.01
N PHE E 307 -0.88 34.67 7.14
CA PHE E 307 -1.48 33.35 7.32
C PHE E 307 -3.01 33.44 7.32
N ARG E 308 -3.55 34.47 7.97
CA ARG E 308 -5.00 34.64 7.98
C ARG E 308 -5.53 34.93 6.58
N ASP E 309 -4.77 35.68 5.77
CA ASP E 309 -5.19 35.97 4.41
C ASP E 309 -5.16 34.71 3.55
N THR E 310 -4.09 33.92 3.65
CA THR E 310 -3.97 32.72 2.83
C THR E 310 -5.04 31.70 3.20
N THR E 311 -5.29 31.51 4.50
CA THR E 311 -6.33 30.57 4.92
C THR E 311 -7.70 31.03 4.48
N ASN E 312 -7.95 32.34 4.52
CA ASN E 312 -9.23 32.87 4.06
C ASN E 312 -9.43 32.63 2.58
N HIS E 313 -8.38 32.80 1.78
CA HIS E 313 -8.49 32.55 0.34
C HIS E 313 -8.80 31.09 0.05
N ARG E 314 -8.12 30.18 0.73
CA ARG E 314 -8.38 28.75 0.53
C ARG E 314 -9.77 28.37 1.04
N TYR E 315 -10.16 28.92 2.18
CA TYR E 315 -11.48 28.60 2.74
C TYR E 315 -12.60 29.18 1.88
N SER E 316 -12.43 30.40 1.39
CA SER E 316 -13.45 31.02 0.56
C SER E 316 -13.63 30.26 -0.75
N ARG E 317 -12.52 29.86 -1.37
CA ARG E 317 -12.61 29.11 -2.62
C ARG E 317 -13.31 27.78 -2.41
N TYR E 318 -12.98 27.09 -1.32
CA TYR E 318 -13.63 25.81 -1.04
C TYR E 318 -15.12 26.00 -0.74
N ILE E 319 -15.47 27.07 -0.04
CA ILE E 319 -16.88 27.32 0.30
C ILE E 319 -17.69 27.57 -0.96
N VAL E 320 -17.15 28.38 -1.88
CA VAL E 320 -17.86 28.67 -3.12
C VAL E 320 -17.94 27.42 -3.98
N ASP E 321 -16.88 26.60 -3.99
CA ASP E 321 -16.86 25.42 -4.85
C ASP E 321 -17.96 24.43 -4.46
N MET E 322 -18.17 24.21 -3.18
CA MET E 322 -19.23 23.29 -2.76
C MET E 322 -20.61 23.84 -3.09
N ALA E 323 -20.79 25.16 -3.13
CA ALA E 323 -22.04 25.72 -3.60
C ALA E 323 -22.19 25.57 -5.10
N ILE E 324 -21.09 25.74 -5.84
CA ILE E 324 -21.12 25.52 -7.29
C ILE E 324 -21.40 24.05 -7.58
N LYS E 325 -20.78 23.14 -6.82
CA LYS E 325 -20.95 21.71 -7.04
C LYS E 325 -22.42 21.31 -6.92
N GLU E 326 -23.09 21.79 -5.89
CA GLU E 326 -24.50 21.47 -5.69
C GLU E 326 -25.42 22.48 -6.37
N GLY E 327 -24.89 23.52 -6.99
CA GLY E 327 -25.72 24.46 -7.70
C GLY E 327 -26.53 25.40 -6.85
N CYS E 328 -26.23 25.50 -5.55
CA CYS E 328 -26.98 26.38 -4.66
C CYS E 328 -26.81 27.83 -5.10
N GLY E 329 -27.92 28.48 -5.38
CA GLY E 329 -27.92 29.86 -5.85
C GLY E 329 -27.83 30.93 -4.78
N THR E 330 -27.81 30.54 -3.51
CA THR E 330 -27.72 31.52 -2.42
C THR E 330 -26.89 30.93 -1.30
N ILE E 331 -26.08 31.76 -0.66
CA ILE E 331 -25.32 31.38 0.52
C ILE E 331 -25.76 32.24 1.69
N GLN E 332 -26.14 31.60 2.79
CA GLN E 332 -26.59 32.30 3.99
C GLN E 332 -25.56 32.09 5.09
N MET E 333 -25.08 33.19 5.66
CA MET E 333 -24.15 33.16 6.77
C MET E 333 -24.57 34.20 7.79
N GLU E 334 -24.31 33.93 9.07
CA GLU E 334 -24.69 34.83 10.14
C GLU E 334 -24.05 36.20 9.94
N ASP E 335 -24.84 37.25 10.18
CA ASP E 335 -24.34 38.61 9.99
C ASP E 335 -23.26 38.94 11.01
N LEU E 336 -22.33 39.79 10.61
CA LEU E 336 -21.19 40.13 11.45
C LEU E 336 -21.32 41.54 12.01
N ASP E 341 -19.07 38.28 18.04
CA ASP E 341 -17.66 38.46 18.39
C ASP E 341 -16.91 37.13 18.28
N ILE E 342 -15.75 37.05 18.96
CA ILE E 342 -14.98 35.82 18.95
C ILE E 342 -15.76 34.70 19.64
N GLY E 343 -16.27 34.96 20.83
CA GLY E 343 -17.05 33.97 21.54
C GLY E 343 -16.27 32.71 21.79
N SER E 344 -16.99 31.58 21.77
CA SER E 344 -16.39 30.27 21.95
C SER E 344 -16.16 29.55 20.62
N ARG E 345 -16.16 30.29 19.52
CA ARG E 345 -15.99 29.69 18.21
C ARG E 345 -14.58 29.09 18.08
N PHE E 346 -14.46 28.09 17.20
CA PHE E 346 -13.17 27.43 16.99
C PHE E 346 -12.13 28.43 16.52
N LEU E 347 -12.50 29.27 15.56
CA LEU E 347 -11.64 30.40 15.19
C LEU E 347 -11.73 31.47 16.28
N GLN E 348 -10.60 31.75 16.91
CA GLN E 348 -10.54 32.69 18.02
C GLN E 348 -9.93 34.00 17.53
N ASN E 349 -10.72 35.08 17.60
CA ASN E 349 -10.28 36.41 17.19
C ASN E 349 -9.73 36.40 15.76
N TRP E 350 -10.42 35.67 14.90
CA TRP E 350 -10.06 35.60 13.49
C TRP E 350 -10.49 36.87 12.77
N THR E 351 -9.98 37.03 11.55
CA THR E 351 -10.40 38.13 10.67
C THR E 351 -11.71 37.73 9.99
N TYR E 352 -12.78 37.75 10.79
CA TYR E 352 -14.08 37.28 10.32
C TYR E 352 -14.59 38.13 9.15
N TYR E 353 -14.47 39.45 9.26
CA TYR E 353 -14.98 40.32 8.20
C TYR E 353 -14.26 40.08 6.88
N ASP E 354 -12.95 39.82 6.93
CA ASP E 354 -12.21 39.52 5.71
C ASP E 354 -12.71 38.22 5.08
N LEU E 355 -13.02 37.22 5.92
CA LEU E 355 -13.52 35.95 5.40
C LEU E 355 -14.86 36.15 4.70
N GLN E 356 -15.76 36.94 5.30
CA GLN E 356 -17.07 37.16 4.70
C GLN E 356 -16.97 37.87 3.37
N GLN E 357 -16.10 38.89 3.28
CA GLN E 357 -16.00 39.67 2.05
C GLN E 357 -15.46 38.83 0.90
N LYS E 358 -14.49 37.96 1.17
CA LYS E 358 -13.96 37.11 0.11
C LYS E 358 -14.96 36.05 -0.31
N ILE E 359 -15.80 35.60 0.64
CA ILE E 359 -16.90 34.69 0.29
C ILE E 359 -17.95 35.43 -0.53
N ILE E 360 -18.26 36.66 -0.13
CA ILE E 360 -19.23 37.46 -0.89
C ILE E 360 -18.71 37.74 -2.28
N TYR E 361 -17.43 38.12 -2.38
CA TYR E 361 -16.86 38.46 -3.69
C TYR E 361 -16.80 37.25 -4.60
N LYS E 362 -16.37 36.11 -4.08
CA LYS E 362 -16.19 34.93 -4.92
C LYS E 362 -17.53 34.30 -5.26
N ALA E 363 -18.57 34.59 -4.46
CA ALA E 363 -19.90 34.12 -4.81
C ALA E 363 -20.45 34.85 -6.02
N GLU E 364 -20.13 36.14 -6.15
CA GLU E 364 -20.66 36.94 -7.26
C GLU E 364 -20.11 36.44 -8.60
N GLU E 365 -18.83 36.05 -8.63
CA GLU E 365 -18.24 35.55 -9.87
C GLU E 365 -18.93 34.29 -10.37
N ALA E 366 -19.53 33.50 -9.47
CA ALA E 366 -20.26 32.30 -9.86
C ALA E 366 -21.75 32.53 -10.04
N GLY E 367 -22.22 33.76 -9.82
CA GLY E 367 -23.64 34.06 -9.90
C GLY E 367 -24.41 33.86 -8.62
N ILE E 368 -23.75 33.38 -7.55
CA ILE E 368 -24.41 33.16 -6.28
C ILE E 368 -24.57 34.49 -5.55
N LYS E 369 -25.55 34.57 -4.66
CA LYS E 369 -25.82 35.79 -3.90
C LYS E 369 -25.76 35.45 -2.42
N VAL E 370 -25.25 36.38 -1.62
CA VAL E 370 -25.04 36.17 -0.19
C VAL E 370 -26.01 37.05 0.59
N ILE E 371 -26.69 36.45 1.56
CA ILE E 371 -27.62 37.16 2.44
C ILE E 371 -27.20 36.92 3.89
N LYS E 372 -27.23 37.98 4.68
CA LYS E 372 -26.81 37.93 6.08
C LYS E 372 -28.04 37.76 6.97
N ILE E 373 -27.95 36.83 7.92
CA ILE E 373 -29.07 36.46 8.77
C ILE E 373 -28.68 36.65 10.24
N ASP E 374 -29.63 37.12 11.04
CA ASP E 374 -29.40 37.25 12.46
C ASP E 374 -29.19 35.87 13.09
N PRO E 375 -28.17 35.71 13.94
CA PRO E 375 -27.80 34.38 14.45
C PRO E 375 -28.45 34.00 15.78
N GLN E 376 -29.44 34.75 16.25
CA GLN E 376 -29.98 34.50 17.58
C GLN E 376 -30.60 33.11 17.69
N TYR E 377 -30.19 32.37 18.71
CA TYR E 377 -30.72 31.04 19.03
C TYR E 377 -30.61 30.06 17.87
N THR E 378 -29.68 30.29 16.94
CA THR E 378 -29.52 29.38 15.82
C THR E 378 -29.04 28.01 16.27
N SER E 379 -28.10 27.98 17.22
CA SER E 379 -27.61 26.71 17.73
C SER E 379 -28.70 25.95 18.48
N GLN E 380 -29.52 26.66 19.24
CA GLN E 380 -30.53 26.00 20.08
C GLN E 380 -31.71 25.47 19.29
N ARG E 381 -32.11 26.15 18.21
CA ARG E 381 -33.25 25.70 17.43
C ARG E 381 -32.98 24.34 16.80
N CYS E 382 -33.98 23.47 16.85
CA CYS E 382 -33.88 22.12 16.29
C CYS E 382 -34.38 22.14 14.85
N SER E 383 -33.56 21.61 13.94
CA SER E 383 -33.93 21.63 12.53
C SER E 383 -35.09 20.69 12.23
N GLU E 384 -35.10 19.51 12.86
CA GLU E 384 -36.09 18.50 12.51
C GLU E 384 -37.50 18.92 12.93
N CYS E 385 -37.67 19.39 14.15
CA CYS E 385 -38.99 19.69 14.68
C CYS E 385 -39.32 21.18 14.68
N GLY E 386 -38.32 22.05 14.78
CA GLY E 386 -38.57 23.47 14.84
C GLY E 386 -38.76 24.03 16.24
N ASN E 387 -38.81 23.19 17.26
CA ASN E 387 -38.91 23.68 18.62
C ASN E 387 -37.58 24.29 19.06
N ILE E 388 -37.67 25.32 19.90
CA ILE E 388 -36.51 26.04 20.39
C ILE E 388 -36.38 25.74 21.89
N ASP E 389 -35.21 25.22 22.27
CA ASP E 389 -34.95 24.87 23.66
C ASP E 389 -34.87 26.11 24.54
N GLY E 395 -22.43 19.13 26.56
CA GLY E 395 -23.68 19.20 25.82
C GLY E 395 -23.55 19.93 24.49
N GLN E 396 -22.60 20.86 24.43
CA GLN E 396 -22.39 21.62 23.20
C GLN E 396 -21.72 20.79 22.10
N ALA E 397 -21.08 19.68 22.48
CA ALA E 397 -20.44 18.83 21.47
C ALA E 397 -21.47 18.20 20.54
N ILE E 398 -22.55 17.68 21.10
CA ILE E 398 -23.62 17.05 20.33
C ILE E 398 -24.94 17.62 20.81
N PHE E 399 -25.67 18.27 19.91
CA PHE E 399 -26.96 18.85 20.27
C PHE E 399 -28.03 17.76 20.26
N LYS E 400 -28.90 17.79 21.27
CA LYS E 400 -30.02 16.85 21.38
C LYS E 400 -31.26 17.62 21.77
N CYS E 401 -32.29 17.57 20.90
CA CYS E 401 -33.54 18.27 21.18
C CYS E 401 -34.27 17.60 22.35
N ARG E 402 -34.85 18.44 23.23
CA ARG E 402 -35.63 17.90 24.33
C ARG E 402 -36.88 17.17 23.81
N ALA E 403 -37.55 17.74 22.81
CA ALA E 403 -38.79 17.16 22.29
C ALA E 403 -38.52 16.21 21.12
N CYS E 404 -37.86 16.72 20.07
CA CYS E 404 -37.62 15.89 18.89
C CYS E 404 -36.67 14.73 19.21
N GLY E 405 -35.64 15.00 20.01
CA GLY E 405 -34.64 13.99 20.30
C GLY E 405 -33.56 13.84 19.26
N TYR E 406 -33.56 14.67 18.22
CA TYR E 406 -32.54 14.61 17.18
C TYR E 406 -31.17 14.88 17.76
N GLU E 407 -30.24 13.96 17.53
CA GLU E 407 -28.87 14.07 18.04
C GLU E 407 -27.90 14.22 16.89
N ALA E 408 -27.08 15.25 16.95
CA ALA E 408 -26.07 15.53 15.92
C ALA E 408 -25.13 16.58 16.46
N ASN E 409 -24.05 16.82 15.71
CA ASN E 409 -23.09 17.85 16.08
C ASN E 409 -23.74 19.23 16.05
N ALA E 410 -23.46 20.03 17.07
CA ALA E 410 -24.06 21.36 17.17
C ALA E 410 -23.67 22.23 15.99
N ASP E 411 -22.46 22.03 15.44
CA ASP E 411 -22.04 22.78 14.26
C ASP E 411 -22.94 22.46 13.07
N TYR E 412 -23.29 21.18 12.91
CA TYR E 412 -24.21 20.81 11.83
C TYR E 412 -25.63 21.28 12.13
N ASN E 413 -26.03 21.25 13.40
CA ASN E 413 -27.37 21.69 13.77
C ASN E 413 -27.56 23.17 13.44
N ALA E 414 -26.57 23.99 13.77
CA ALA E 414 -26.65 25.41 13.44
C ALA E 414 -26.63 25.63 11.93
N ALA E 415 -25.86 24.83 11.20
CA ALA E 415 -25.73 25.01 9.76
C ALA E 415 -27.05 24.79 9.05
N ARG E 416 -27.82 23.76 9.46
CA ARG E 416 -29.10 23.49 8.83
C ARG E 416 -30.09 24.63 9.07
N ASN E 417 -30.07 25.23 10.26
CA ASN E 417 -31.00 26.30 10.58
C ASN E 417 -30.81 27.49 9.65
N ILE E 418 -29.55 27.84 9.37
CA ILE E 418 -29.25 28.96 8.48
C ILE E 418 -29.72 28.67 7.06
N ALA E 419 -29.87 27.40 6.69
CA ALA E 419 -30.22 27.06 5.32
C ALA E 419 -31.63 27.48 4.97
N ILE E 420 -32.50 27.62 5.98
CA ILE E 420 -33.89 27.98 5.76
C ILE E 420 -33.98 29.37 5.14
N PRO E 421 -34.76 29.54 4.07
CA PRO E 421 -34.86 30.87 3.44
C PRO E 421 -35.44 31.95 4.35
N ASN E 422 -36.31 31.58 5.28
CA ASN E 422 -36.94 32.55 6.17
C ASN E 422 -36.66 32.20 7.62
N ILE E 423 -35.41 31.81 7.92
CA ILE E 423 -35.04 31.45 9.28
C ILE E 423 -35.11 32.67 10.20
N ASP E 424 -34.77 33.85 9.69
CA ASP E 424 -34.76 35.04 10.52
C ASP E 424 -36.15 35.35 11.07
N LYS E 425 -37.18 35.20 10.25
CA LYS E 425 -38.54 35.51 10.69
C LYS E 425 -39.00 34.55 11.77
N ILE E 426 -38.83 33.25 11.57
CA ILE E 426 -39.30 32.27 12.54
C ILE E 426 -38.49 32.30 13.83
N ILE E 427 -37.32 32.93 13.81
CA ILE E 427 -36.51 33.03 15.02
C ILE E 427 -37.26 33.84 16.08
N ALA E 428 -37.86 34.95 15.68
CA ALA E 428 -38.60 35.81 16.61
C ALA E 428 -40.03 35.34 16.81
N GLU E 429 -40.52 34.38 16.03
CA GLU E 429 -41.88 33.90 16.21
C GLU E 429 -42.04 33.20 17.55
N SER E 430 -41.05 32.40 17.95
CA SER E 430 -41.12 31.71 19.23
C SER E 430 -41.08 32.69 20.40
N ILE E 431 -40.38 33.80 20.22
CA ILE E 431 -40.25 34.81 21.27
C ILE E 431 -41.59 35.52 21.47
ZN ZN F . -9.12 -25.71 34.57
MG MG G . -3.87 -12.39 20.14
MG MG H . 23.66 7.96 21.22
MG MG I . 16.78 12.76 17.96
#